data_1YMM
#
_entry.id   1YMM
#
_cell.length_a   137.340
_cell.length_b   212.620
_cell.length_c   278.220
_cell.angle_alpha   90.00
_cell.angle_beta   90.00
_cell.angle_gamma   90.00
#
_symmetry.space_group_name_H-M   'F 2 2 2'
#
loop_
_entity.id
_entity.type
_entity.pdbx_description
1 polymer 'HLA class II histocompatibility antigen, DR alpha chain'
2 polymer 'HLA class II histocompatibility antigen, DR beta chain'
3 polymer 'MBP peptide'
4 polymer 'T cell receptor alpha chain'
5 polymer 'T-cell receptor beta chain'
6 non-polymer 2-acetamido-2-deoxy-beta-D-glucopyranose
#
loop_
_entity_poly.entity_id
_entity_poly.type
_entity_poly.pdbx_seq_one_letter_code
_entity_poly.pdbx_strand_id
1 'polypeptide(L)'
;IKEEHVIIQAEFYLNPDQSGEFMFDFDGDEIFHVDMAKKETVWRLEEFGRFASFEAQGALANIAVDKANLEIMTKRSNYT
PITNVPPEVTVLTNSPVELREPNVLICFIDKFTPPVVNVTWLRNGKPVTTGVSETVFLPREDHLFRKFHYLPFLPSTEDV
YDCRVEHWGLDEPLLKHWEFDAPSPLPETTE
;
A
2 'polypeptide(L)'
;GDTRPRFLWQPKRECHFFNGTERVRFLDRYFYNQEESVRFDSDVGEFRAVTELGRPDAEYWNSQKDILEQARAAVDTYCR
HNYGVVESFTVQRRVQPKVTVYPSKTQPLQHHNLLVCSVSGFYPGSIEVRWFLNGQEEKAGMVSTGLIQNGDWTFQTLVM
LETVPRSGEVYTCQVEHPSVTSPLTVEWRARSESAQSK
;
B
3 'polypeptide(L)' ENPVVHFFKNIVTPRGGSGGGGG C
4 'polypeptide(L)'
;SQQGEEDPQALSIQEGENATMNCSYKTSINNLQWYRQNSGRGLVHLILIRSNEREKHSGRLRVTLDTSKKSSSLLITASR
AADTASYFCATDTTSGTYKYIFGTGTRLKVLANIQNPDPAVYQLRDSKSSDKSVCLFTDFDSQTNVSQSKDSDVYITDKT
VLDMRSMDFKSNSAVAWSNKSDFACANAFNNSIIPEDTFFPSPESSC
;
D
5 'polypeptide(L)'
;GAVVSQHPSWVISKSGTSVKIECRSLDFQATTMFWYRQFPKQSLMLMATSNEGSKATYEQGVEKDKFLINHASLTLSTLT
VTSAHPEDSSFYICSARDLTSGANNEQFFGPGTRLTVLEDLKNVFPPEVAVFEPSEAEISHTQKATLVCLATGFYPDHVE
LSWWVNGKEVHSGVSTDPQPLKEQPALNDSRYSLSSRLRVSATFWQNPRNHFRCQVQFYGLSENDEWTQDRAKPVTQIVS
AEAWGRADC
;
E
#
loop_
_chem_comp.id
_chem_comp.type
_chem_comp.name
_chem_comp.formula
NAG D-saccharide, beta linking 2-acetamido-2-deoxy-beta-D-glucopyranose 'C8 H15 N O6'
#
# COMPACT_ATOMS: atom_id res chain seq x y z
N LYS A 2 -7.07 -30.20 2.41
CA LYS A 2 -7.94 -29.08 2.88
C LYS A 2 -7.12 -27.85 3.28
N GLU A 3 -7.40 -26.76 2.59
CA GLU A 3 -6.77 -25.46 2.81
C GLU A 3 -5.24 -25.33 2.85
N GLU A 4 -4.48 -26.11 2.14
CA GLU A 4 -3.09 -25.86 2.24
C GLU A 4 -2.72 -25.00 0.99
N HIS A 5 -2.67 -23.65 1.08
CA HIS A 5 -2.45 -22.81 -0.10
C HIS A 5 -1.20 -21.99 -0.30
N VAL A 6 -1.04 -21.48 -1.52
CA VAL A 6 0.09 -20.65 -1.90
C VAL A 6 -0.32 -19.43 -2.74
N ILE A 7 0.06 -18.24 -2.29
CA ILE A 7 -0.23 -17.00 -2.99
C ILE A 7 1.11 -16.46 -3.48
N ILE A 8 1.22 -16.07 -4.75
CA ILE A 8 2.50 -15.56 -5.22
C ILE A 8 2.48 -14.20 -5.91
N GLN A 9 3.48 -13.40 -5.58
CA GLN A 9 3.66 -12.09 -6.19
C GLN A 9 4.80 -12.41 -7.16
N ALA A 10 4.45 -12.59 -8.44
CA ALA A 10 5.44 -12.91 -9.45
C ALA A 10 5.56 -11.80 -10.48
N GLU A 11 6.64 -11.03 -10.38
CA GLU A 11 6.88 -9.92 -11.30
C GLU A 11 8.16 -10.19 -12.08
N PHE A 12 8.41 -9.39 -13.11
CA PHE A 12 9.61 -9.58 -13.92
C PHE A 12 9.90 -8.44 -14.88
N TYR A 13 11.18 -8.21 -15.17
CA TYR A 13 11.59 -7.20 -16.13
C TYR A 13 12.42 -7.89 -17.20
N LEU A 14 12.36 -7.39 -18.42
CA LEU A 14 13.09 -8.04 -19.51
C LEU A 14 13.79 -7.19 -20.58
N ASN A 15 15.12 -7.17 -20.52
CA ASN A 15 15.92 -6.46 -21.50
C ASN A 15 16.28 -7.46 -22.57
N PRO A 16 16.44 -6.97 -23.82
CA PRO A 16 16.28 -5.57 -24.17
C PRO A 16 14.87 -5.14 -24.54
N ASP A 17 13.89 -6.00 -24.33
CA ASP A 17 12.50 -5.67 -24.69
C ASP A 17 11.89 -4.60 -23.80
N GLN A 18 12.54 -4.34 -22.68
CA GLN A 18 12.10 -3.31 -21.75
C GLN A 18 10.65 -3.48 -21.32
N SER A 19 10.18 -4.72 -21.27
CA SER A 19 8.80 -5.01 -20.88
C SER A 19 8.82 -5.73 -19.55
N GLY A 20 7.70 -5.67 -18.84
CA GLY A 20 7.62 -6.34 -17.55
C GLY A 20 6.19 -6.49 -17.06
N GLU A 21 6.01 -7.39 -16.10
CA GLU A 21 4.68 -7.63 -15.53
C GLU A 21 4.71 -7.90 -14.02
N PHE A 22 3.63 -7.51 -13.35
CA PHE A 22 3.48 -7.70 -11.93
C PHE A 22 2.12 -8.39 -11.78
N MET A 23 2.10 -9.61 -11.26
CA MET A 23 0.85 -10.36 -11.10
C MET A 23 0.83 -11.29 -9.91
N PHE A 24 -0.33 -11.46 -9.28
CA PHE A 24 -0.46 -12.35 -8.14
C PHE A 24 -1.01 -13.71 -8.55
N ASP A 25 -0.50 -14.77 -7.94
CA ASP A 25 -0.96 -16.11 -8.26
C ASP A 25 -1.51 -16.86 -7.05
N PHE A 26 -2.71 -17.44 -7.20
CA PHE A 26 -3.35 -18.22 -6.14
C PHE A 26 -3.38 -19.67 -6.60
N ASP A 27 -2.56 -20.50 -5.99
CA ASP A 27 -2.51 -21.89 -6.36
C ASP A 27 -2.59 -22.06 -7.87
N GLY A 28 -1.89 -21.20 -8.61
CA GLY A 28 -1.87 -21.32 -10.06
C GLY A 28 -2.91 -20.61 -10.89
N ASP A 29 -3.63 -19.66 -10.31
CA ASP A 29 -4.62 -18.92 -11.06
C ASP A 29 -4.33 -17.47 -10.77
N GLU A 30 -4.41 -16.64 -11.78
CA GLU A 30 -4.14 -15.21 -11.64
C GLU A 30 -5.22 -14.47 -10.84
N ILE A 31 -4.83 -13.78 -9.78
CA ILE A 31 -5.81 -13.04 -9.02
C ILE A 31 -5.98 -11.68 -9.69
N PHE A 32 -4.89 -11.12 -10.21
CA PHE A 32 -4.91 -9.83 -10.91
C PHE A 32 -3.50 -9.50 -11.38
N HIS A 33 -3.36 -8.42 -12.15
CA HIS A 33 -2.05 -8.00 -12.64
C HIS A 33 -2.12 -6.54 -13.11
N VAL A 34 -0.97 -5.90 -13.24
CA VAL A 34 -0.91 -4.52 -13.72
C VAL A 34 -0.18 -4.54 -15.04
N ASP A 35 -0.58 -3.67 -15.96
CA ASP A 35 0.07 -3.57 -17.25
C ASP A 35 0.93 -2.32 -17.29
N MET A 36 2.24 -2.52 -17.41
CA MET A 36 3.16 -1.40 -17.49
C MET A 36 2.68 -0.54 -18.64
N ALA A 37 1.89 -1.17 -19.53
CA ALA A 37 1.32 -0.53 -20.70
C ALA A 37 0.21 0.48 -20.38
N LYS A 38 -0.85 0.04 -19.70
CA LYS A 38 -1.94 0.95 -19.39
C LYS A 38 -1.92 1.51 -17.98
N LYS A 39 -1.02 1.01 -17.14
CA LYS A 39 -0.92 1.50 -15.77
C LYS A 39 -2.29 1.40 -15.11
N GLU A 40 -2.92 0.25 -15.32
CA GLU A 40 -4.24 -0.05 -14.75
C GLU A 40 -4.15 -1.49 -14.22
N THR A 41 -4.61 -1.73 -13.00
CA THR A 41 -4.54 -3.11 -12.50
C THR A 41 -5.76 -3.78 -13.07
N VAL A 42 -5.61 -5.05 -13.44
CA VAL A 42 -6.70 -5.79 -14.06
C VAL A 42 -6.92 -7.17 -13.42
N TRP A 43 -8.03 -7.30 -12.68
CA TRP A 43 -8.33 -8.55 -12.00
C TRP A 43 -8.70 -9.63 -13.01
N ARG A 44 -8.35 -10.89 -12.72
CA ARG A 44 -8.66 -11.95 -13.69
C ARG A 44 -10.13 -12.19 -13.76
N LEU A 45 -10.79 -12.16 -12.61
CA LEU A 45 -12.21 -12.35 -12.54
C LEU A 45 -12.76 -11.00 -12.16
N GLU A 46 -13.27 -10.28 -13.14
CA GLU A 46 -13.82 -8.95 -12.92
C GLU A 46 -14.26 -8.77 -11.47
N GLU A 47 -15.17 -9.62 -11.05
CA GLU A 47 -15.70 -9.59 -9.71
C GLU A 47 -14.68 -9.31 -8.60
N PHE A 48 -13.57 -10.04 -8.57
CA PHE A 48 -12.60 -9.82 -7.52
C PHE A 48 -12.40 -8.35 -7.20
N GLY A 49 -12.53 -7.50 -8.20
CA GLY A 49 -12.35 -6.07 -7.99
C GLY A 49 -13.41 -5.35 -7.17
N ARG A 50 -14.34 -6.12 -6.62
CA ARG A 50 -15.39 -5.56 -5.79
C ARG A 50 -15.12 -5.99 -4.38
N PHE A 51 -14.08 -6.81 -4.22
CA PHE A 51 -13.71 -7.35 -2.92
C PHE A 51 -12.36 -6.89 -2.41
N ALA A 52 -11.48 -6.50 -3.32
CA ALA A 52 -10.14 -6.05 -2.96
C ALA A 52 -9.67 -4.92 -3.84
N SER A 53 -8.77 -4.11 -3.30
CA SER A 53 -8.23 -2.98 -4.03
C SER A 53 -6.72 -3.09 -4.08
N PHE A 54 -6.15 -2.55 -5.15
CA PHE A 54 -4.69 -2.57 -5.32
C PHE A 54 -4.28 -1.53 -6.34
N GLU A 55 -3.79 -0.38 -5.84
CA GLU A 55 -3.34 0.70 -6.70
C GLU A 55 -2.23 0.19 -7.61
N ALA A 56 -2.33 0.51 -8.89
CA ALA A 56 -1.38 0.06 -9.91
C ALA A 56 0.06 0.49 -9.73
N GLN A 57 0.26 1.78 -9.51
CA GLN A 57 1.60 2.34 -9.35
C GLN A 57 2.52 1.42 -8.58
N GLY A 58 2.21 1.22 -7.32
CA GLY A 58 3.03 0.34 -6.50
C GLY A 58 3.66 -0.79 -7.29
N ALA A 59 2.99 -1.26 -8.34
CA ALA A 59 3.56 -2.34 -9.13
C ALA A 59 4.55 -1.73 -10.07
N LEU A 60 4.08 -0.77 -10.85
CA LEU A 60 4.97 -0.09 -11.77
C LEU A 60 6.19 0.27 -10.96
N ALA A 61 5.95 0.97 -9.86
CA ALA A 61 7.03 1.40 -8.98
C ALA A 61 7.93 0.22 -8.71
N ASN A 62 7.32 -0.86 -8.25
CA ASN A 62 8.05 -2.07 -7.92
C ASN A 62 8.74 -2.68 -9.13
N ILE A 63 8.41 -2.21 -10.32
CA ILE A 63 9.05 -2.72 -11.53
C ILE A 63 10.34 -1.95 -11.81
N ALA A 64 10.28 -0.63 -11.70
CA ALA A 64 11.43 0.22 -11.94
C ALA A 64 12.63 -0.44 -11.28
N VAL A 65 12.47 -0.75 -10.00
CA VAL A 65 13.52 -1.39 -9.26
C VAL A 65 13.91 -2.70 -9.94
N ASP A 66 12.95 -3.34 -10.60
CA ASP A 66 13.25 -4.60 -11.27
C ASP A 66 14.21 -4.38 -12.45
N LYS A 67 14.05 -3.26 -13.15
CA LYS A 67 14.93 -2.95 -14.27
C LYS A 67 16.27 -2.67 -13.64
N ALA A 68 16.32 -1.61 -12.83
CA ALA A 68 17.54 -1.25 -12.14
C ALA A 68 18.27 -2.53 -11.74
N ASN A 69 17.66 -3.31 -10.86
CA ASN A 69 18.28 -4.56 -10.44
C ASN A 69 18.63 -5.42 -11.64
N LEU A 70 17.73 -5.53 -12.60
CA LEU A 70 17.99 -6.35 -13.78
C LEU A 70 19.36 -6.04 -14.39
N GLU A 71 19.54 -4.77 -14.75
CA GLU A 71 20.78 -4.32 -15.35
C GLU A 71 21.92 -4.74 -14.43
N ILE A 72 21.88 -4.22 -13.21
CA ILE A 72 22.88 -4.53 -12.22
C ILE A 72 23.30 -6.01 -12.21
N MET A 73 22.35 -6.91 -12.46
CA MET A 73 22.65 -8.34 -12.48
C MET A 73 23.17 -8.80 -13.81
N THR A 74 22.80 -8.10 -14.88
CA THR A 74 23.25 -8.46 -16.21
C THR A 74 24.78 -8.34 -16.26
N LYS A 75 25.29 -7.22 -15.76
CA LYS A 75 26.72 -6.96 -15.71
C LYS A 75 27.38 -7.96 -14.76
N ARG A 76 27.01 -7.90 -13.49
CA ARG A 76 27.53 -8.81 -12.48
C ARG A 76 27.63 -10.26 -12.99
N SER A 77 26.92 -10.55 -14.08
CA SER A 77 26.93 -11.90 -14.64
C SER A 77 27.81 -11.97 -15.85
N ASN A 78 28.64 -10.96 -16.03
CA ASN A 78 29.54 -10.92 -17.19
C ASN A 78 28.74 -11.06 -18.48
N TYR A 79 27.65 -10.32 -18.55
CA TYR A 79 26.79 -10.28 -19.71
C TYR A 79 26.37 -11.59 -20.35
N THR A 80 26.16 -12.61 -19.53
CA THR A 80 25.70 -13.88 -20.08
C THR A 80 24.21 -13.73 -20.39
N PRO A 81 23.77 -14.23 -21.55
CA PRO A 81 22.37 -14.14 -21.97
C PRO A 81 21.53 -15.33 -21.51
N ILE A 82 20.23 -15.13 -21.48
CA ILE A 82 19.31 -16.18 -21.05
C ILE A 82 19.18 -17.27 -22.10
N THR A 83 19.26 -18.52 -21.66
CA THR A 83 19.12 -19.67 -22.57
C THR A 83 17.65 -19.93 -22.91
N ASN A 84 17.29 -19.76 -24.18
CA ASN A 84 15.91 -19.96 -24.64
C ASN A 84 15.40 -21.37 -24.44
N VAL A 85 14.10 -21.46 -24.09
CA VAL A 85 13.40 -22.72 -23.90
C VAL A 85 12.11 -22.63 -24.69
N PRO A 86 11.91 -23.56 -25.62
CA PRO A 86 10.73 -23.61 -26.49
C PRO A 86 9.42 -23.93 -25.80
N PRO A 87 8.31 -23.39 -26.33
CA PRO A 87 6.97 -23.60 -25.80
C PRO A 87 6.54 -25.00 -26.17
N GLU A 88 5.49 -25.48 -25.52
CA GLU A 88 4.94 -26.80 -25.75
C GLU A 88 3.45 -26.56 -25.90
N VAL A 89 3.04 -26.18 -27.10
CA VAL A 89 1.63 -25.88 -27.38
C VAL A 89 0.70 -27.07 -27.30
N THR A 90 -0.58 -26.78 -27.18
CA THR A 90 -1.62 -27.80 -27.08
C THR A 90 -3.01 -27.14 -27.20
N VAL A 91 -3.91 -27.73 -27.98
CA VAL A 91 -5.24 -27.14 -28.13
C VAL A 91 -6.37 -27.78 -27.33
N LEU A 92 -7.09 -26.92 -26.62
CA LEU A 92 -8.19 -27.31 -25.74
C LEU A 92 -9.49 -26.66 -26.10
N THR A 93 -10.54 -27.23 -25.56
CA THR A 93 -11.86 -26.71 -25.80
C THR A 93 -12.43 -26.48 -24.42
N ASN A 94 -13.03 -25.32 -24.21
CA ASN A 94 -13.62 -25.01 -22.92
C ASN A 94 -14.37 -26.17 -22.27
N SER A 95 -15.26 -26.79 -23.06
CA SER A 95 -16.07 -27.91 -22.63
C SER A 95 -16.19 -28.86 -23.82
N PRO A 96 -16.93 -29.97 -23.69
CA PRO A 96 -17.01 -30.84 -24.88
C PRO A 96 -17.79 -30.09 -25.94
N VAL A 97 -17.28 -30.08 -27.17
CA VAL A 97 -17.94 -29.35 -28.25
C VAL A 97 -19.20 -30.02 -28.77
N GLU A 98 -20.23 -29.22 -28.97
CA GLU A 98 -21.49 -29.72 -29.51
C GLU A 98 -21.97 -28.70 -30.55
N LEU A 99 -22.34 -29.20 -31.72
CA LEU A 99 -22.77 -28.34 -32.81
C LEU A 99 -23.74 -27.23 -32.44
N ARG A 100 -23.51 -26.04 -32.99
CA ARG A 100 -24.34 -24.87 -32.73
C ARG A 100 -24.35 -24.40 -31.27
N GLU A 101 -23.53 -25.01 -30.41
CA GLU A 101 -23.46 -24.64 -29.00
C GLU A 101 -22.21 -23.80 -28.65
N PRO A 102 -22.39 -22.49 -28.39
CA PRO A 102 -21.25 -21.64 -28.06
C PRO A 102 -20.24 -22.38 -27.23
N ASN A 103 -18.98 -22.20 -27.56
CA ASN A 103 -17.92 -22.87 -26.84
C ASN A 103 -16.70 -21.99 -26.88
N VAL A 104 -15.53 -22.56 -26.65
CA VAL A 104 -14.32 -21.75 -26.63
C VAL A 104 -13.07 -22.55 -26.86
N LEU A 105 -12.32 -22.20 -27.90
CA LEU A 105 -11.07 -22.90 -28.18
C LEU A 105 -10.05 -22.35 -27.23
N ILE A 106 -9.17 -23.19 -26.72
CA ILE A 106 -8.16 -22.73 -25.79
C ILE A 106 -6.74 -23.02 -26.27
N CYS A 107 -5.94 -21.99 -26.55
CA CYS A 107 -4.57 -22.29 -26.95
C CYS A 107 -3.73 -22.25 -25.68
N PHE A 108 -3.17 -23.41 -25.33
CA PHE A 108 -2.39 -23.52 -24.11
C PHE A 108 -0.88 -23.53 -24.34
N ILE A 109 -0.27 -22.36 -24.20
CA ILE A 109 1.18 -22.14 -24.35
C ILE A 109 1.82 -22.42 -22.99
N ASP A 110 2.53 -23.54 -22.87
CA ASP A 110 3.08 -23.93 -21.59
C ASP A 110 4.53 -24.40 -21.58
N LYS A 111 5.21 -24.16 -20.46
CA LYS A 111 6.60 -24.56 -20.24
C LYS A 111 7.61 -23.89 -21.16
N PHE A 112 7.74 -22.57 -21.08
CA PHE A 112 8.69 -21.88 -21.94
C PHE A 112 9.42 -20.74 -21.23
N THR A 113 10.09 -19.90 -22.02
CA THR A 113 10.85 -18.75 -21.53
C THR A 113 11.89 -18.33 -22.58
N PRO A 114 12.24 -17.05 -22.62
CA PRO A 114 11.77 -15.94 -21.78
C PRO A 114 10.31 -15.63 -22.06
N PRO A 115 9.68 -14.82 -21.21
CA PRO A 115 8.28 -14.42 -21.33
C PRO A 115 7.96 -13.56 -22.55
N VAL A 116 8.19 -14.10 -23.75
CA VAL A 116 7.89 -13.36 -24.98
C VAL A 116 7.43 -14.32 -26.04
N VAL A 117 6.26 -14.07 -26.61
CA VAL A 117 5.71 -14.98 -27.62
C VAL A 117 4.79 -14.29 -28.59
N ASN A 118 4.40 -15.04 -29.62
CA ASN A 118 3.48 -14.57 -30.65
C ASN A 118 2.47 -15.67 -30.95
N VAL A 119 1.21 -15.36 -30.66
CA VAL A 119 0.11 -16.29 -30.85
C VAL A 119 -0.82 -15.79 -31.92
N THR A 120 -1.27 -16.69 -32.78
CA THR A 120 -2.17 -16.29 -33.84
C THR A 120 -3.22 -17.34 -34.19
N TRP A 121 -4.49 -16.97 -34.02
CA TRP A 121 -5.63 -17.85 -34.30
C TRP A 121 -6.01 -17.86 -35.77
N LEU A 122 -6.13 -19.06 -36.32
CA LEU A 122 -6.46 -19.21 -37.72
C LEU A 122 -7.67 -20.11 -37.96
N ARG A 123 -8.73 -19.52 -38.49
CA ARG A 123 -9.95 -20.26 -38.80
C ARG A 123 -9.96 -20.47 -40.30
N ASN A 124 -9.34 -21.57 -40.71
CA ASN A 124 -9.20 -21.96 -42.12
C ASN A 124 -8.13 -21.11 -42.76
N GLY A 125 -6.93 -21.14 -42.19
CA GLY A 125 -5.85 -20.35 -42.75
C GLY A 125 -5.97 -18.86 -42.45
N LYS A 126 -7.19 -18.33 -42.54
CA LYS A 126 -7.39 -16.93 -42.24
C LYS A 126 -7.16 -16.70 -40.74
N PRO A 127 -6.44 -15.63 -40.38
CA PRO A 127 -6.18 -15.35 -38.97
C PRO A 127 -7.34 -14.58 -38.37
N VAL A 128 -7.53 -14.74 -37.07
CA VAL A 128 -8.59 -14.03 -36.40
C VAL A 128 -7.94 -12.94 -35.59
N THR A 129 -8.52 -11.75 -35.65
CA THR A 129 -7.96 -10.60 -34.97
C THR A 129 -8.84 -10.04 -33.89
N THR A 130 -10.14 -10.19 -34.07
CA THR A 130 -11.09 -9.66 -33.11
C THR A 130 -11.63 -10.71 -32.16
N GLY A 131 -12.19 -10.25 -31.04
CA GLY A 131 -12.76 -11.18 -30.08
C GLY A 131 -11.86 -12.12 -29.29
N VAL A 132 -10.59 -12.21 -29.63
CA VAL A 132 -9.73 -13.12 -28.88
C VAL A 132 -9.29 -12.51 -27.56
N SER A 133 -8.64 -13.32 -26.73
CA SER A 133 -8.21 -12.87 -25.41
C SER A 133 -7.08 -13.73 -24.89
N GLU A 134 -6.32 -13.18 -23.94
CA GLU A 134 -5.20 -13.94 -23.40
C GLU A 134 -4.89 -13.59 -21.95
N THR A 135 -4.02 -14.41 -21.39
CA THR A 135 -3.61 -14.24 -20.01
C THR A 135 -2.24 -13.56 -20.03
N VAL A 136 -1.75 -13.12 -18.88
CA VAL A 136 -0.43 -12.50 -18.88
C VAL A 136 0.50 -13.69 -18.86
N PHE A 137 1.70 -13.51 -18.34
CA PHE A 137 2.61 -14.64 -18.26
C PHE A 137 2.49 -15.30 -16.90
N LEU A 138 1.64 -16.31 -16.85
CA LEU A 138 1.38 -17.05 -15.63
C LEU A 138 2.63 -17.83 -15.23
N PRO A 139 3.06 -17.68 -13.96
CA PRO A 139 4.23 -18.34 -13.38
C PRO A 139 4.05 -19.79 -13.08
N ARG A 140 5.08 -20.57 -13.41
CA ARG A 140 5.13 -22.03 -13.20
C ARG A 140 5.99 -22.31 -11.98
N GLU A 141 5.98 -23.56 -11.52
CA GLU A 141 6.76 -23.97 -10.35
C GLU A 141 8.26 -24.04 -10.65
N ASP A 142 8.62 -24.59 -11.80
CA ASP A 142 10.02 -24.69 -12.18
C ASP A 142 10.55 -23.38 -12.78
N HIS A 143 9.77 -22.32 -12.61
CA HIS A 143 10.14 -21.01 -13.07
C HIS A 143 10.10 -20.67 -14.56
N LEU A 144 9.46 -21.52 -15.36
CA LEU A 144 9.30 -21.21 -16.77
C LEU A 144 8.01 -20.40 -16.85
N PHE A 145 7.39 -20.32 -18.02
CA PHE A 145 6.15 -19.57 -18.13
C PHE A 145 5.04 -20.36 -18.77
N ARG A 146 3.81 -19.95 -18.47
CA ARG A 146 2.58 -20.57 -18.95
C ARG A 146 1.72 -19.43 -19.51
N LYS A 147 0.97 -19.68 -20.58
CA LYS A 147 0.08 -18.65 -21.12
C LYS A 147 -1.17 -19.23 -21.74
N PHE A 148 -2.25 -18.45 -21.75
CA PHE A 148 -3.50 -18.91 -22.32
C PHE A 148 -4.11 -17.95 -23.33
N HIS A 149 -4.54 -18.50 -24.47
CA HIS A 149 -5.18 -17.70 -25.51
C HIS A 149 -6.54 -18.29 -25.79
N TYR A 150 -7.54 -17.43 -25.73
CA TYR A 150 -8.92 -17.84 -25.91
C TYR A 150 -9.62 -17.28 -27.15
N LEU A 151 -10.36 -18.15 -27.82
CA LEU A 151 -11.11 -17.78 -28.99
C LEU A 151 -12.48 -18.47 -28.93
N PRO A 152 -13.49 -17.75 -28.43
CA PRO A 152 -14.84 -18.29 -28.32
C PRO A 152 -15.27 -18.58 -29.74
N PHE A 153 -16.26 -19.46 -29.92
CA PHE A 153 -16.76 -19.82 -31.25
C PHE A 153 -17.92 -20.78 -31.21
N LEU A 154 -18.66 -20.85 -32.32
CA LEU A 154 -19.75 -21.81 -32.46
C LEU A 154 -19.12 -23.03 -33.13
N PRO A 155 -19.15 -24.19 -32.46
CA PRO A 155 -18.57 -25.40 -33.04
C PRO A 155 -19.24 -25.83 -34.32
N SER A 156 -18.44 -26.30 -35.27
CA SER A 156 -18.97 -26.76 -36.54
C SER A 156 -17.96 -27.65 -37.25
N THR A 157 -18.44 -28.36 -38.26
CA THR A 157 -17.58 -29.24 -39.05
C THR A 157 -17.08 -28.49 -40.27
N GLU A 158 -17.87 -27.52 -40.71
CA GLU A 158 -17.53 -26.73 -41.88
C GLU A 158 -16.10 -26.16 -41.75
N ASP A 159 -15.86 -25.36 -40.72
CA ASP A 159 -14.55 -24.77 -40.55
C ASP A 159 -13.70 -25.49 -39.51
N VAL A 160 -12.41 -25.17 -39.53
CA VAL A 160 -11.43 -25.74 -38.62
C VAL A 160 -10.55 -24.63 -38.06
N TYR A 161 -9.74 -24.93 -37.05
CA TYR A 161 -8.89 -23.90 -36.46
C TYR A 161 -7.45 -24.31 -36.24
N ASP A 162 -6.59 -23.32 -36.04
CA ASP A 162 -5.17 -23.57 -35.80
C ASP A 162 -4.62 -22.55 -34.85
N CYS A 163 -3.75 -22.97 -33.96
CA CYS A 163 -3.11 -22.02 -33.06
C CYS A 163 -1.67 -21.95 -33.56
N ARG A 164 -1.15 -20.74 -33.80
CA ARG A 164 0.21 -20.62 -34.26
C ARG A 164 1.05 -19.88 -33.25
N VAL A 165 1.87 -20.63 -32.52
CA VAL A 165 2.74 -20.06 -31.52
C VAL A 165 4.13 -19.99 -32.13
N GLU A 166 4.84 -18.90 -31.86
CA GLU A 166 6.19 -18.68 -32.37
C GLU A 166 7.11 -18.30 -31.21
N HIS A 167 8.24 -18.98 -31.04
CA HIS A 167 9.15 -18.64 -29.95
C HIS A 167 10.65 -18.68 -30.28
N TRP A 168 11.42 -17.83 -29.61
CA TRP A 168 12.85 -17.76 -29.81
C TRP A 168 13.56 -19.02 -29.33
N GLY A 169 12.94 -20.18 -29.57
CA GLY A 169 13.55 -21.43 -29.16
C GLY A 169 12.90 -22.45 -30.05
N LEU A 170 11.99 -21.91 -30.84
CA LEU A 170 11.21 -22.66 -31.81
C LEU A 170 11.79 -22.24 -33.16
N ASP A 171 12.49 -23.16 -33.82
CA ASP A 171 13.10 -22.88 -35.12
C ASP A 171 12.07 -22.38 -36.13
N GLU A 172 10.98 -23.13 -36.27
CA GLU A 172 9.91 -22.77 -37.18
C GLU A 172 8.64 -22.58 -36.35
N PRO A 173 7.77 -21.65 -36.76
CA PRO A 173 6.54 -21.41 -36.03
C PRO A 173 5.85 -22.71 -35.68
N LEU A 174 5.48 -22.87 -34.40
CA LEU A 174 4.80 -24.06 -33.94
C LEU A 174 3.34 -23.92 -34.36
N LEU A 175 2.78 -24.99 -34.91
CA LEU A 175 1.41 -24.92 -35.41
C LEU A 175 0.54 -26.08 -34.93
N LYS A 176 -0.56 -25.74 -34.24
CA LYS A 176 -1.50 -26.72 -33.70
C LYS A 176 -2.86 -26.66 -34.40
N HIS A 177 -3.43 -27.84 -34.60
CA HIS A 177 -4.71 -27.97 -35.29
C HIS A 177 -5.83 -28.46 -34.40
N TRP A 178 -7.06 -28.14 -34.80
CA TRP A 178 -8.26 -28.53 -34.09
C TRP A 178 -9.39 -28.52 -35.05
N GLU A 179 -10.15 -29.58 -35.01
CA GLU A 179 -11.23 -29.64 -35.93
C GLU A 179 -12.30 -30.30 -35.15
N PHE A 180 -13.55 -29.82 -35.25
CA PHE A 180 -14.67 -30.40 -34.52
C PHE A 180 -14.48 -31.87 -34.22
N ASP A 181 -13.76 -32.13 -33.13
CA ASP A 181 -13.43 -33.48 -32.68
C ASP A 181 -12.32 -33.30 -31.62
N ALA A 182 -12.02 -34.35 -30.86
CA ALA A 182 -10.98 -34.26 -29.84
C ALA A 182 -10.68 -35.62 -29.21
N PRO A 183 -9.41 -35.86 -28.86
CA PRO A 183 -8.97 -37.13 -28.25
C PRO A 183 -9.36 -37.26 -26.77
N THR B 3 16.05 -12.16 -32.48
CA THR B 3 17.13 -13.19 -32.37
C THR B 3 18.35 -12.57 -31.67
N ARG B 4 18.06 -11.71 -30.71
CA ARG B 4 19.07 -11.02 -29.91
C ARG B 4 18.95 -11.48 -28.47
N PRO B 5 20.08 -11.62 -27.76
CA PRO B 5 20.04 -12.06 -26.36
C PRO B 5 19.11 -11.23 -25.46
N ARG B 6 18.53 -11.90 -24.46
CA ARG B 6 17.61 -11.27 -23.52
C ARG B 6 18.05 -11.59 -22.08
N PHE B 7 17.94 -10.61 -21.20
CA PHE B 7 18.34 -10.84 -19.81
C PHE B 7 17.08 -10.71 -18.96
N LEU B 8 16.91 -11.65 -18.02
CA LEU B 8 15.69 -11.71 -17.22
C LEU B 8 15.69 -11.72 -15.69
N TRP B 9 15.12 -10.69 -15.09
CA TRP B 9 15.03 -10.61 -13.64
C TRP B 9 13.68 -11.21 -13.23
N GLN B 10 13.71 -12.31 -12.49
CA GLN B 10 12.48 -12.98 -12.06
C GLN B 10 12.29 -13.10 -10.57
N PRO B 11 11.89 -12.02 -9.91
CA PRO B 11 11.69 -12.13 -8.47
C PRO B 11 10.39 -12.91 -8.20
N LYS B 12 10.32 -13.54 -7.03
CA LYS B 12 9.12 -14.28 -6.66
C LYS B 12 8.93 -14.30 -5.15
N ARG B 13 7.91 -13.57 -4.71
CA ARG B 13 7.56 -13.51 -3.29
C ARG B 13 6.42 -14.51 -3.14
N GLU B 14 6.71 -15.67 -2.57
CA GLU B 14 5.68 -16.68 -2.41
C GLU B 14 5.35 -17.07 -0.97
N CYS B 15 4.22 -16.59 -0.47
CA CYS B 15 3.77 -16.92 0.88
C CYS B 15 3.19 -18.33 0.85
N HIS B 16 3.52 -19.15 1.85
CA HIS B 16 3.01 -20.54 1.91
C HIS B 16 2.13 -20.72 3.13
N PHE B 17 0.84 -20.95 2.93
CA PHE B 17 -0.08 -21.15 4.06
C PHE B 17 -0.34 -22.65 4.27
N PHE B 18 -0.56 -23.04 5.53
CA PHE B 18 -0.85 -24.43 5.90
C PHE B 18 -1.95 -24.39 6.94
N ASN B 19 -2.99 -25.19 6.72
CA ASN B 19 -4.14 -25.20 7.62
C ASN B 19 -4.43 -23.72 7.89
N GLY B 20 -4.78 -23.00 6.83
CA GLY B 20 -5.10 -21.59 6.95
C GLY B 20 -3.91 -20.78 7.41
N THR B 21 -4.14 -19.85 8.32
CA THR B 21 -3.06 -19.00 8.81
C THR B 21 -2.33 -19.50 10.03
N GLU B 22 -2.54 -20.75 10.44
CA GLU B 22 -1.88 -21.25 11.65
C GLU B 22 -0.37 -21.46 11.48
N ARG B 23 0.10 -21.55 10.24
CA ARG B 23 1.53 -21.75 9.99
C ARG B 23 1.88 -21.24 8.60
N VAL B 24 2.36 -20.00 8.54
CA VAL B 24 2.74 -19.37 7.29
C VAL B 24 4.25 -19.42 7.08
N ARG B 25 4.67 -19.24 5.83
CA ARG B 25 6.08 -19.29 5.51
C ARG B 25 6.45 -18.41 4.33
N PHE B 26 7.01 -17.22 4.59
CA PHE B 26 7.39 -16.31 3.51
C PHE B 26 8.51 -16.93 2.71
N LEU B 27 8.87 -16.36 1.57
CA LEU B 27 9.94 -17.00 0.80
C LEU B 27 10.36 -16.08 -0.36
N ASP B 28 11.25 -15.15 -0.14
CA ASP B 28 11.48 -14.23 -1.22
C ASP B 28 12.44 -14.94 -2.10
N ARG B 29 12.23 -15.01 -3.41
CA ARG B 29 13.17 -15.74 -4.28
C ARG B 29 13.48 -14.97 -5.54
N TYR B 30 14.77 -14.80 -5.85
CA TYR B 30 15.18 -14.07 -7.05
C TYR B 30 15.79 -14.98 -8.09
N PHE B 31 15.59 -14.66 -9.37
CA PHE B 31 16.12 -15.48 -10.47
C PHE B 31 16.68 -14.70 -11.65
N TYR B 32 18.00 -14.73 -11.82
CA TYR B 32 18.60 -14.07 -12.98
C TYR B 32 18.37 -15.09 -14.09
N ASN B 33 17.67 -14.65 -15.15
CA ASN B 33 17.29 -15.54 -16.25
C ASN B 33 16.57 -16.64 -15.47
N GLN B 34 16.29 -17.77 -16.07
CA GLN B 34 15.78 -18.85 -15.24
C GLN B 34 16.59 -19.61 -14.01
N GLU B 35 17.48 -18.98 -13.23
CA GLU B 35 18.16 -19.68 -12.12
C GLU B 35 17.98 -18.89 -10.84
N GLU B 36 17.83 -19.60 -9.73
CA GLU B 36 17.67 -18.96 -8.45
C GLU B 36 19.05 -18.48 -8.05
N SER B 37 19.17 -17.21 -7.66
CA SER B 37 20.47 -16.64 -7.25
C SER B 37 20.53 -16.40 -5.74
N VAL B 38 19.64 -15.57 -5.23
CA VAL B 38 19.60 -15.29 -3.81
C VAL B 38 18.18 -15.48 -3.37
N ARG B 39 17.98 -15.87 -2.11
CA ARG B 39 16.62 -16.06 -1.62
C ARG B 39 16.47 -15.67 -0.16
N PHE B 40 15.26 -15.87 0.36
CA PHE B 40 14.98 -15.58 1.75
C PHE B 40 13.88 -16.53 2.20
N ASP B 41 14.21 -17.37 3.16
CA ASP B 41 13.26 -18.32 3.71
C ASP B 41 12.83 -17.72 5.04
N SER B 42 11.53 -17.70 5.31
CA SER B 42 11.05 -17.12 6.56
C SER B 42 11.44 -17.93 7.78
N ASP B 43 11.88 -19.16 7.58
CA ASP B 43 12.29 -20.00 8.69
C ASP B 43 13.79 -20.00 8.88
N VAL B 44 14.50 -19.39 7.94
CA VAL B 44 15.95 -19.29 8.02
C VAL B 44 16.31 -17.91 8.55
N GLY B 45 15.27 -17.12 8.82
CA GLY B 45 15.43 -15.78 9.36
C GLY B 45 16.42 -14.81 8.75
N GLU B 46 16.89 -15.08 7.54
CA GLU B 46 17.83 -14.16 6.91
C GLU B 46 18.21 -14.67 5.54
N PHE B 47 18.54 -13.74 4.65
CA PHE B 47 18.88 -14.09 3.29
C PHE B 47 20.03 -15.09 3.16
N ARG B 48 20.05 -15.77 2.03
CA ARG B 48 21.06 -16.77 1.72
C ARG B 48 21.20 -16.85 0.21
N ALA B 49 22.43 -16.90 -0.28
CA ALA B 49 22.64 -17.00 -1.71
C ALA B 49 22.66 -18.47 -2.09
N VAL B 50 21.96 -18.81 -3.17
CA VAL B 50 21.92 -20.20 -3.62
C VAL B 50 23.04 -20.40 -4.62
N THR B 51 23.43 -19.31 -5.26
CA THR B 51 24.51 -19.34 -6.23
C THR B 51 25.40 -18.13 -5.98
N GLU B 52 26.44 -18.01 -6.77
CA GLU B 52 27.36 -16.90 -6.60
C GLU B 52 26.72 -15.56 -6.89
N LEU B 53 26.20 -15.41 -8.11
CA LEU B 53 25.58 -14.17 -8.56
C LEU B 53 24.75 -13.45 -7.49
N GLY B 54 24.34 -14.17 -6.45
CA GLY B 54 23.53 -13.57 -5.39
C GLY B 54 24.25 -13.22 -4.11
N ARG B 55 25.45 -13.78 -3.92
CA ARG B 55 26.21 -13.52 -2.71
C ARG B 55 26.15 -12.04 -2.36
N PRO B 56 26.81 -11.20 -3.16
CA PRO B 56 26.77 -9.76 -2.86
C PRO B 56 25.40 -9.30 -2.37
N ASP B 57 24.38 -9.75 -3.09
CA ASP B 57 22.99 -9.41 -2.78
C ASP B 57 22.68 -9.96 -1.41
N ALA B 58 23.10 -11.19 -1.16
CA ALA B 58 22.86 -11.82 0.13
C ALA B 58 23.53 -11.05 1.27
N GLU B 59 24.75 -10.59 1.03
CA GLU B 59 25.49 -9.86 2.05
C GLU B 59 24.89 -8.49 2.34
N TYR B 60 24.75 -7.68 1.29
CA TYR B 60 24.23 -6.33 1.47
C TYR B 60 22.86 -6.26 2.13
N TRP B 61 22.00 -7.23 1.84
CA TRP B 61 20.68 -7.19 2.45
C TRP B 61 20.84 -7.55 3.91
N ASN B 62 21.63 -8.58 4.16
CA ASN B 62 21.86 -9.03 5.52
C ASN B 62 22.57 -7.96 6.35
N SER B 63 23.07 -6.93 5.68
CA SER B 63 23.75 -5.87 6.39
C SER B 63 22.78 -4.78 6.83
N GLN B 64 21.79 -4.49 5.99
CA GLN B 64 20.80 -3.46 6.30
C GLN B 64 19.72 -4.00 7.21
N LYS B 65 19.58 -3.38 8.39
CA LYS B 65 18.57 -3.82 9.35
C LYS B 65 17.17 -3.76 8.76
N ASP B 66 16.87 -2.66 8.07
CA ASP B 66 15.56 -2.47 7.47
C ASP B 66 15.27 -3.70 6.61
N ILE B 67 16.04 -3.83 5.55
CA ILE B 67 15.89 -4.93 4.60
C ILE B 67 15.81 -6.32 5.25
N LEU B 68 15.96 -6.39 6.56
CA LEU B 68 15.86 -7.70 7.22
C LEU B 68 14.71 -7.59 8.17
N GLU B 69 14.57 -6.44 8.81
CA GLU B 69 13.46 -6.24 9.75
C GLU B 69 12.16 -6.33 8.95
N GLN B 70 12.27 -6.14 7.63
CA GLN B 70 11.12 -6.20 6.74
C GLN B 70 10.89 -7.64 6.28
N ALA B 71 11.85 -8.17 5.53
CA ALA B 71 11.77 -9.54 5.03
C ALA B 71 11.30 -10.53 6.09
N ARG B 72 11.59 -10.23 7.35
CA ARG B 72 11.16 -11.12 8.42
C ARG B 72 9.69 -10.84 8.74
N ALA B 73 9.37 -9.55 8.88
CA ALA B 73 8.01 -9.11 9.17
C ALA B 73 7.05 -9.51 8.06
N ALA B 74 7.58 -10.14 7.02
CA ALA B 74 6.74 -10.55 5.91
C ALA B 74 5.59 -11.42 6.39
N VAL B 75 5.95 -12.61 6.85
CA VAL B 75 5.00 -13.61 7.31
C VAL B 75 3.83 -13.12 8.14
N ASP B 76 3.87 -11.87 8.56
CA ASP B 76 2.77 -11.35 9.34
C ASP B 76 2.11 -10.16 8.69
N THR B 77 2.93 -9.22 8.23
CA THR B 77 2.41 -8.01 7.63
C THR B 77 2.21 -8.07 6.13
N TYR B 78 2.35 -9.23 5.54
CA TYR B 78 2.15 -9.35 4.10
C TYR B 78 1.32 -10.59 3.76
N CYS B 79 1.79 -11.76 4.17
CA CYS B 79 1.09 -13.02 3.95
C CYS B 79 -0.24 -13.10 4.72
N ARG B 80 -0.16 -13.13 6.05
CA ARG B 80 -1.34 -13.18 6.90
C ARG B 80 -2.30 -12.09 6.45
N HIS B 81 -1.74 -10.98 5.96
CA HIS B 81 -2.54 -9.86 5.51
C HIS B 81 -3.32 -10.23 4.28
N ASN B 82 -2.60 -10.41 3.18
CA ASN B 82 -3.26 -10.76 1.93
C ASN B 82 -4.21 -11.93 2.06
N TYR B 83 -3.77 -13.01 2.69
CA TYR B 83 -4.65 -14.16 2.83
C TYR B 83 -5.96 -13.69 3.43
N GLY B 84 -5.85 -12.76 4.36
CA GLY B 84 -7.05 -12.24 5.01
C GLY B 84 -7.92 -11.49 4.03
N VAL B 85 -7.34 -11.00 2.95
CA VAL B 85 -8.10 -10.22 1.98
C VAL B 85 -8.69 -11.04 0.84
N VAL B 86 -8.06 -12.18 0.55
CA VAL B 86 -8.53 -12.98 -0.56
C VAL B 86 -9.18 -14.30 -0.26
N GLU B 87 -9.20 -14.73 1.01
CA GLU B 87 -9.84 -16.01 1.35
C GLU B 87 -11.25 -15.93 0.75
N SER B 88 -12.00 -14.96 1.26
CA SER B 88 -13.36 -14.72 0.82
C SER B 88 -13.67 -15.22 -0.59
N PHE B 89 -12.85 -14.84 -1.58
CA PHE B 89 -13.06 -15.23 -2.99
C PHE B 89 -12.13 -16.26 -3.65
N THR B 90 -11.17 -16.80 -2.93
CA THR B 90 -10.27 -17.78 -3.52
C THR B 90 -10.26 -19.04 -2.70
N VAL B 91 -9.74 -18.95 -1.48
CA VAL B 91 -9.69 -20.11 -0.61
C VAL B 91 -11.06 -20.77 -0.54
N GLN B 92 -12.11 -19.96 -0.57
CA GLN B 92 -13.49 -20.46 -0.50
C GLN B 92 -14.20 -20.60 -1.84
N ARG B 93 -13.55 -20.24 -2.94
CA ARG B 93 -14.20 -20.34 -4.23
C ARG B 93 -14.68 -21.75 -4.45
N ARG B 94 -15.88 -21.90 -4.99
CA ARG B 94 -16.42 -23.22 -5.32
C ARG B 94 -17.40 -23.18 -6.50
N VAL B 95 -17.07 -23.92 -7.55
CA VAL B 95 -17.87 -23.97 -8.76
C VAL B 95 -18.19 -25.41 -9.10
N GLN B 96 -19.46 -25.68 -9.27
CA GLN B 96 -19.92 -27.04 -9.52
C GLN B 96 -19.52 -27.61 -10.85
N PRO B 97 -19.28 -28.92 -10.91
CA PRO B 97 -18.88 -29.60 -12.13
C PRO B 97 -20.05 -29.83 -13.02
N LYS B 98 -19.81 -29.68 -14.33
CA LYS B 98 -20.81 -29.96 -15.33
C LYS B 98 -20.33 -31.33 -15.85
N VAL B 99 -21.14 -32.36 -15.61
CA VAL B 99 -20.80 -33.73 -15.99
C VAL B 99 -21.57 -34.19 -17.18
N THR B 100 -20.85 -34.81 -18.11
CA THR B 100 -21.42 -35.32 -19.35
C THR B 100 -20.78 -36.64 -19.70
N VAL B 101 -21.56 -37.53 -20.28
CA VAL B 101 -21.05 -38.82 -20.67
C VAL B 101 -21.50 -39.10 -22.09
N TYR B 102 -20.53 -39.44 -22.93
CA TYR B 102 -20.75 -39.74 -24.33
C TYR B 102 -19.77 -40.87 -24.66
N PRO B 103 -20.07 -41.64 -25.71
CA PRO B 103 -19.27 -42.77 -26.18
C PRO B 103 -18.16 -42.51 -27.17
N SER B 104 -17.40 -43.58 -27.41
CA SER B 104 -16.29 -43.58 -28.35
C SER B 104 -16.00 -45.02 -28.75
N LEU B 114 -15.44 -47.53 -25.96
CA LEU B 114 -14.82 -46.59 -25.01
C LEU B 114 -15.83 -45.57 -24.46
N LEU B 115 -16.00 -45.54 -23.14
CA LEU B 115 -16.92 -44.59 -22.55
C LEU B 115 -16.15 -43.41 -21.96
N VAL B 116 -16.69 -42.22 -22.19
CA VAL B 116 -16.05 -40.99 -21.73
C VAL B 116 -16.92 -40.18 -20.79
N CYS B 117 -16.35 -39.87 -19.63
CA CYS B 117 -17.05 -39.06 -18.68
C CYS B 117 -16.25 -37.79 -18.59
N SER B 118 -16.91 -36.66 -18.90
CA SER B 118 -16.25 -35.38 -18.87
C SER B 118 -16.78 -34.46 -17.78
N VAL B 119 -15.85 -34.01 -16.95
CA VAL B 119 -16.16 -33.10 -15.87
C VAL B 119 -15.51 -31.77 -16.30
N SER B 120 -16.29 -30.69 -16.38
CA SER B 120 -15.73 -29.42 -16.80
C SER B 120 -16.16 -28.18 -16.04
N GLY B 121 -15.33 -27.14 -16.09
CA GLY B 121 -15.64 -25.89 -15.43
C GLY B 121 -15.73 -25.84 -13.91
N PHE B 122 -15.19 -26.84 -13.23
CA PHE B 122 -15.26 -26.88 -11.78
C PHE B 122 -14.08 -26.25 -11.08
N TYR B 123 -14.27 -25.95 -9.80
CA TYR B 123 -13.24 -25.34 -8.95
C TYR B 123 -13.73 -25.60 -7.54
N PRO B 124 -12.81 -25.89 -6.59
CA PRO B 124 -11.36 -26.09 -6.73
C PRO B 124 -11.04 -27.29 -7.56
N GLY B 125 -9.77 -27.56 -7.75
CA GLY B 125 -9.37 -28.70 -8.56
C GLY B 125 -9.48 -30.06 -7.91
N SER B 126 -9.69 -30.11 -6.59
CA SER B 126 -9.81 -31.40 -5.93
C SER B 126 -11.00 -32.11 -6.55
N ILE B 127 -10.85 -33.39 -6.84
CA ILE B 127 -11.97 -34.11 -7.45
C ILE B 127 -11.79 -35.61 -7.52
N GLU B 128 -12.91 -36.30 -7.57
CA GLU B 128 -12.92 -37.75 -7.65
C GLU B 128 -13.95 -38.10 -8.71
N VAL B 129 -13.58 -39.01 -9.61
CA VAL B 129 -14.48 -39.42 -10.67
C VAL B 129 -14.49 -40.92 -10.68
N ARG B 130 -15.66 -41.50 -10.44
CA ARG B 130 -15.78 -42.94 -10.38
C ARG B 130 -16.78 -43.44 -11.38
N TRP B 131 -16.56 -44.68 -11.83
CA TRP B 131 -17.43 -45.34 -12.81
C TRP B 131 -18.13 -46.51 -12.17
N PHE B 132 -19.42 -46.66 -12.46
CA PHE B 132 -20.19 -47.77 -11.92
C PHE B 132 -20.84 -48.47 -13.09
N LEU B 133 -20.71 -49.79 -13.09
CA LEU B 133 -21.28 -50.61 -14.13
C LEU B 133 -22.44 -51.35 -13.55
N ASN B 134 -23.63 -50.98 -13.97
CA ASN B 134 -24.80 -51.62 -13.45
C ASN B 134 -24.76 -51.66 -11.94
N GLY B 135 -24.80 -50.47 -11.36
CA GLY B 135 -24.82 -50.37 -9.92
C GLY B 135 -23.55 -50.61 -9.14
N GLN B 136 -22.53 -51.18 -9.75
CA GLN B 136 -21.31 -51.41 -8.99
C GLN B 136 -20.03 -50.87 -9.61
N GLU B 137 -19.36 -50.00 -8.86
CA GLU B 137 -18.12 -49.39 -9.31
C GLU B 137 -17.17 -50.37 -9.99
N GLU B 138 -16.68 -49.96 -11.16
CA GLU B 138 -15.71 -50.73 -11.92
C GLU B 138 -14.41 -50.11 -11.47
N LYS B 139 -13.50 -50.90 -10.94
CA LYS B 139 -12.25 -50.33 -10.45
C LYS B 139 -11.09 -50.37 -11.43
N ALA B 140 -11.26 -51.07 -12.56
CA ALA B 140 -10.17 -51.17 -13.53
C ALA B 140 -10.60 -51.01 -14.98
N GLY B 141 -9.75 -50.33 -15.74
CA GLY B 141 -10.04 -50.11 -17.15
C GLY B 141 -10.33 -48.65 -17.43
N MET B 142 -9.84 -47.79 -16.55
CA MET B 142 -10.07 -46.37 -16.69
C MET B 142 -8.82 -45.59 -17.06
N VAL B 143 -8.98 -44.65 -17.98
CA VAL B 143 -7.89 -43.79 -18.42
C VAL B 143 -8.29 -42.34 -18.13
N SER B 144 -7.46 -41.64 -17.36
CA SER B 144 -7.74 -40.26 -17.01
C SER B 144 -6.95 -39.32 -17.89
N THR B 145 -7.02 -38.03 -17.58
CA THR B 145 -6.31 -37.03 -18.35
C THR B 145 -5.70 -36.08 -17.35
N GLY B 146 -6.06 -36.30 -16.10
CA GLY B 146 -5.55 -35.44 -15.04
C GLY B 146 -6.26 -34.11 -14.99
N LEU B 147 -6.01 -33.35 -13.95
CA LEU B 147 -6.61 -32.05 -13.83
C LEU B 147 -6.05 -31.20 -14.96
N ILE B 148 -6.81 -30.19 -15.35
CA ILE B 148 -6.40 -29.30 -16.42
C ILE B 148 -6.88 -27.89 -16.14
N GLN B 149 -5.97 -26.96 -15.89
CA GLN B 149 -6.38 -25.58 -15.66
C GLN B 149 -6.80 -25.01 -17.00
N ASN B 150 -7.66 -24.00 -16.96
CA ASN B 150 -8.06 -23.38 -18.20
C ASN B 150 -7.65 -21.93 -18.18
N GLY B 151 -7.06 -21.50 -17.07
CA GLY B 151 -6.63 -20.12 -16.96
C GLY B 151 -7.76 -19.16 -16.63
N ASP B 152 -8.96 -19.68 -16.43
CA ASP B 152 -10.11 -18.85 -16.11
C ASP B 152 -10.69 -19.19 -14.75
N TRP B 153 -9.87 -19.80 -13.90
CA TRP B 153 -10.28 -20.19 -12.56
C TRP B 153 -11.31 -21.31 -12.57
N THR B 154 -11.02 -22.37 -13.36
CA THR B 154 -11.89 -23.56 -13.48
C THR B 154 -11.14 -24.70 -14.20
N PHE B 155 -11.06 -25.88 -13.57
CA PHE B 155 -10.34 -27.03 -14.16
C PHE B 155 -11.31 -27.91 -14.89
N GLN B 156 -10.78 -28.87 -15.63
CA GLN B 156 -11.60 -29.83 -16.38
C GLN B 156 -10.76 -31.09 -16.48
N THR B 157 -11.42 -32.23 -16.56
CA THR B 157 -10.72 -33.50 -16.68
C THR B 157 -11.67 -34.49 -17.29
N LEU B 158 -11.10 -35.44 -18.01
CA LEU B 158 -11.90 -36.45 -18.67
C LEU B 158 -11.41 -37.81 -18.23
N VAL B 159 -12.35 -38.69 -17.93
CA VAL B 159 -12.01 -40.02 -17.52
C VAL B 159 -12.69 -40.89 -18.52
N MET B 160 -11.96 -41.87 -19.04
CA MET B 160 -12.49 -42.78 -20.03
C MET B 160 -12.48 -44.20 -19.52
N LEU B 161 -13.58 -44.90 -19.76
CA LEU B 161 -13.74 -46.28 -19.35
C LEU B 161 -13.80 -47.10 -20.63
N GLU B 162 -13.02 -48.17 -20.69
CA GLU B 162 -12.97 -49.06 -21.85
C GLU B 162 -13.87 -50.28 -21.60
N THR B 163 -14.96 -50.41 -22.38
CA THR B 163 -15.89 -51.50 -22.17
C THR B 163 -16.70 -51.93 -23.39
N VAL B 164 -17.40 -53.03 -23.20
CA VAL B 164 -18.28 -53.64 -24.20
C VAL B 164 -19.71 -53.23 -23.88
N PRO B 165 -20.17 -52.10 -24.44
CA PRO B 165 -21.54 -51.67 -24.15
C PRO B 165 -22.59 -52.67 -24.60
N ARG B 166 -22.89 -53.62 -23.71
CA ARG B 166 -23.89 -54.65 -23.95
C ARG B 166 -25.26 -54.11 -23.57
N SER B 167 -26.30 -54.63 -24.21
CA SER B 167 -27.66 -54.19 -23.95
C SER B 167 -28.11 -54.45 -22.52
N GLY B 168 -28.96 -53.55 -22.02
CA GLY B 168 -29.46 -53.68 -20.66
C GLY B 168 -28.55 -52.98 -19.66
N GLU B 169 -27.25 -53.03 -19.94
CA GLU B 169 -26.24 -52.41 -19.09
C GLU B 169 -26.46 -50.92 -18.90
N VAL B 170 -26.17 -50.42 -17.70
CA VAL B 170 -26.31 -49.00 -17.41
C VAL B 170 -25.04 -48.47 -16.76
N TYR B 171 -24.36 -47.54 -17.44
CA TYR B 171 -23.13 -46.98 -16.89
C TYR B 171 -23.41 -45.67 -16.21
N THR B 172 -22.70 -45.41 -15.14
CA THR B 172 -22.94 -44.18 -14.43
C THR B 172 -21.66 -43.55 -13.99
N CYS B 173 -21.51 -42.28 -14.32
CA CYS B 173 -20.33 -41.57 -13.91
C CYS B 173 -20.66 -40.91 -12.58
N GLN B 174 -19.76 -41.05 -11.61
CA GLN B 174 -19.98 -40.43 -10.31
C GLN B 174 -18.88 -39.41 -10.11
N VAL B 175 -19.27 -38.18 -9.84
CA VAL B 175 -18.30 -37.12 -9.61
C VAL B 175 -18.43 -36.55 -8.21
N GLU B 176 -17.35 -36.64 -7.44
CA GLU B 176 -17.31 -36.16 -6.06
C GLU B 176 -16.54 -34.86 -6.01
N HIS B 177 -17.19 -33.78 -5.58
CA HIS B 177 -16.52 -32.48 -5.56
C HIS B 177 -17.06 -31.51 -4.53
N PRO B 178 -16.15 -30.90 -3.77
CA PRO B 178 -16.51 -29.95 -2.74
C PRO B 178 -17.62 -29.00 -3.13
N SER B 179 -17.81 -28.82 -4.43
CA SER B 179 -18.82 -27.88 -4.86
C SER B 179 -20.21 -28.42 -4.62
N VAL B 180 -20.34 -29.74 -4.61
CA VAL B 180 -21.65 -30.32 -4.42
C VAL B 180 -21.75 -31.23 -3.18
N THR B 181 -22.83 -31.06 -2.42
CA THR B 181 -23.15 -31.77 -1.17
C THR B 181 -23.20 -33.29 -1.24
N SER B 182 -23.84 -33.82 -2.28
CA SER B 182 -23.92 -35.27 -2.48
C SER B 182 -23.46 -35.48 -3.92
N PRO B 183 -22.46 -36.33 -4.12
CA PRO B 183 -21.87 -36.65 -5.43
C PRO B 183 -22.81 -36.54 -6.61
N LEU B 184 -22.30 -36.11 -7.76
CA LEU B 184 -23.13 -36.00 -8.99
C LEU B 184 -22.98 -37.26 -9.80
N THR B 185 -24.07 -37.71 -10.41
CA THR B 185 -23.98 -38.92 -11.24
C THR B 185 -24.87 -38.84 -12.45
N VAL B 186 -24.31 -39.18 -13.60
CA VAL B 186 -25.07 -39.19 -14.82
C VAL B 186 -24.96 -40.61 -15.36
N GLU B 187 -26.09 -41.14 -15.80
CA GLU B 187 -26.12 -42.49 -16.33
C GLU B 187 -26.13 -42.38 -17.83
N TRP B 188 -25.70 -43.45 -18.47
CA TRP B 188 -25.66 -43.49 -19.92
C TRP B 188 -26.29 -44.80 -20.36
N ARG B 189 -27.45 -44.67 -21.03
CA ARG B 189 -28.23 -45.79 -21.54
C ARG B 189 -29.14 -46.40 -20.46
N GLU C 1 -13.64 2.41 0.28
CA GLU C 1 -13.62 1.13 1.03
C GLU C 1 -13.02 0.03 0.18
N ASN C 2 -12.85 -1.14 0.77
CA ASN C 2 -12.28 -2.32 0.14
C ASN C 2 -10.85 -2.47 0.48
N PRO C 3 -10.63 -3.67 1.20
CA PRO C 3 -9.37 -4.12 1.73
C PRO C 3 -8.41 -4.17 0.65
N VAL C 4 -7.19 -3.75 0.94
CA VAL C 4 -6.21 -3.65 -0.07
C VAL C 4 -5.13 -4.74 -0.04
N VAL C 5 -4.83 -5.32 -1.20
CA VAL C 5 -3.80 -6.35 -1.27
C VAL C 5 -2.41 -5.73 -1.22
N HIS C 6 -1.68 -5.91 -0.12
CA HIS C 6 -0.34 -5.35 -0.01
C HIS C 6 0.62 -6.05 -0.94
N PHE C 7 1.62 -5.32 -1.44
CA PHE C 7 2.63 -5.95 -2.28
C PHE C 7 3.96 -5.80 -1.58
N PHE C 8 4.79 -6.84 -1.63
CA PHE C 8 6.10 -6.81 -1.00
C PHE C 8 6.93 -5.78 -1.75
N LYS C 9 7.44 -4.78 -1.04
CA LYS C 9 8.25 -3.74 -1.67
C LYS C 9 9.60 -4.23 -2.11
N ASN C 10 9.93 -3.98 -3.37
CA ASN C 10 11.20 -4.39 -3.94
C ASN C 10 12.36 -3.61 -3.40
N ILE C 11 13.43 -4.32 -3.07
CA ILE C 11 14.62 -3.67 -2.56
C ILE C 11 15.76 -3.74 -3.59
N VAL C 12 16.60 -2.72 -3.58
CA VAL C 12 17.73 -2.61 -4.49
C VAL C 12 18.86 -3.56 -4.16
N THR C 13 19.46 -4.11 -5.21
CA THR C 13 20.56 -5.05 -5.05
C THR C 13 21.90 -4.29 -5.06
N PRO C 14 22.94 -4.85 -4.44
CA PRO C 14 24.27 -4.21 -4.37
C PRO C 14 24.73 -3.62 -5.70
N GLN D 9 1.82 11.61 39.01
CA GLN D 9 1.02 12.32 37.97
C GLN D 9 1.91 13.27 37.17
N ALA D 10 3.22 13.18 37.35
CA ALA D 10 4.16 14.04 36.64
C ALA D 10 5.45 13.33 36.24
N LEU D 11 6.10 13.87 35.22
CA LEU D 11 7.36 13.33 34.71
C LEU D 11 8.50 14.05 35.43
N SER D 12 8.76 13.63 36.66
CA SER D 12 9.81 14.22 37.48
C SER D 12 11.20 13.85 37.01
N ILE D 13 11.86 14.77 36.32
CA ILE D 13 13.20 14.53 35.84
C ILE D 13 13.79 15.69 35.05
N GLN D 14 15.06 16.02 35.13
CA GLN D 14 15.41 16.96 34.12
C GLN D 14 16.45 16.11 33.39
N GLU D 15 16.54 14.92 33.95
CA GLU D 15 17.48 13.91 33.54
C GLU D 15 16.88 12.52 33.49
N GLY D 16 16.48 12.01 34.65
CA GLY D 16 15.92 10.66 34.68
C GLY D 16 14.65 10.39 35.48
N GLU D 17 13.87 9.47 34.93
CA GLU D 17 12.60 8.99 35.48
C GLU D 17 12.13 8.07 34.37
N ASN D 18 11.02 7.36 34.58
CA ASN D 18 10.57 6.45 33.54
C ASN D 18 9.28 6.86 32.86
N ALA D 19 9.34 7.10 31.55
CA ALA D 19 8.13 7.44 30.83
C ALA D 19 7.37 6.13 30.83
N THR D 20 6.09 6.20 31.16
CA THR D 20 5.26 5.00 31.22
C THR D 20 3.96 5.35 30.54
N MET D 21 3.95 5.26 29.22
CA MET D 21 2.76 5.55 28.47
C MET D 21 2.22 4.31 27.80
N ASN D 22 1.09 3.84 28.31
CA ASN D 22 0.45 2.66 27.77
C ASN D 22 -0.55 3.09 26.69
N CYS D 23 -0.16 2.87 25.42
CA CYS D 23 -1.02 3.22 24.30
C CYS D 23 -1.65 1.94 23.79
N SER D 24 -2.97 1.93 23.69
CA SER D 24 -3.71 0.76 23.22
C SER D 24 -4.30 0.96 21.82
N TYR D 25 -4.94 -0.09 21.31
CA TYR D 25 -5.55 -0.06 19.98
C TYR D 25 -6.61 -1.14 19.90
N LYS D 26 -7.58 -0.96 19.00
CA LYS D 26 -8.68 -1.92 18.85
C LYS D 26 -8.45 -3.05 17.83
N THR D 27 -8.47 -2.71 16.55
CA THR D 27 -8.28 -3.69 15.48
C THR D 27 -6.89 -4.33 15.53
N SER D 28 -6.78 -5.57 15.07
CA SER D 28 -5.49 -6.25 15.06
C SER D 28 -4.47 -5.39 14.28
N ILE D 29 -3.27 -5.24 14.82
CA ILE D 29 -2.27 -4.42 14.16
C ILE D 29 -1.41 -5.15 13.15
N ASN D 30 -0.65 -4.34 12.40
CA ASN D 30 0.28 -4.78 11.39
C ASN D 30 1.49 -3.95 11.72
N ASN D 31 1.33 -2.64 11.61
CA ASN D 31 2.38 -1.67 11.92
C ASN D 31 2.00 -0.83 13.14
N LEU D 32 2.99 -0.48 13.96
CA LEU D 32 2.73 0.36 15.13
C LEU D 32 3.61 1.60 15.01
N GLN D 33 2.99 2.77 15.07
CA GLN D 33 3.74 4.04 14.97
C GLN D 33 3.65 4.84 16.26
N TRP D 34 4.76 5.49 16.62
CA TRP D 34 4.80 6.30 17.84
C TRP D 34 4.91 7.80 17.62
N TYR D 35 3.92 8.51 18.14
CA TYR D 35 3.85 9.96 18.01
C TYR D 35 3.45 10.63 19.33
N ARG D 36 4.42 11.23 20.01
CA ARG D 36 4.18 11.96 21.25
C ARG D 36 4.08 13.41 20.79
N GLN D 37 3.61 14.32 21.63
CA GLN D 37 3.48 15.66 21.10
C GLN D 37 3.44 16.92 21.95
N ASN D 38 3.65 18.03 21.23
CA ASN D 38 3.64 19.38 21.75
C ASN D 38 2.27 19.91 21.34
N SER D 39 2.19 21.18 20.92
CA SER D 39 0.91 21.75 20.49
C SER D 39 0.94 22.15 19.01
N GLY D 40 -0.09 21.77 18.26
CA GLY D 40 -0.13 22.10 16.85
C GLY D 40 1.05 21.41 16.20
N ARG D 41 1.21 20.13 16.53
CA ARG D 41 2.33 19.35 16.04
C ARG D 41 2.15 18.55 14.75
N GLY D 42 3.28 18.33 14.07
CA GLY D 42 3.30 17.53 12.86
C GLY D 42 3.46 16.11 13.40
N LEU D 43 4.51 15.92 14.19
CA LEU D 43 4.74 14.60 14.74
C LEU D 43 5.73 14.49 15.89
N VAL D 44 6.34 13.31 15.95
CA VAL D 44 7.34 12.88 16.93
C VAL D 44 7.68 11.53 16.31
N HIS D 45 8.09 11.42 15.07
CA HIS D 45 8.20 10.07 14.63
C HIS D 45 9.23 9.27 15.38
N LEU D 46 8.90 8.71 16.55
CA LEU D 46 9.89 7.97 17.34
C LEU D 46 10.41 6.79 16.55
N ILE D 47 9.76 5.63 16.72
CA ILE D 47 10.15 4.42 16.01
C ILE D 47 8.92 3.59 15.67
N LEU D 48 9.10 2.58 14.80
CA LEU D 48 8.00 1.71 14.37
C LEU D 48 8.14 0.27 14.86
N ILE D 49 7.10 -0.23 15.51
CA ILE D 49 7.08 -1.60 16.01
C ILE D 49 6.02 -2.37 15.23
N ARG D 50 6.46 -3.29 14.39
CA ARG D 50 5.54 -4.10 13.60
C ARG D 50 5.47 -5.49 14.22
N SER D 51 4.28 -6.10 14.20
CA SER D 51 4.05 -7.46 14.76
C SER D 51 5.30 -8.33 14.85
N ASN D 52 5.71 -8.24 16.14
CA ASN D 52 6.92 -8.76 16.86
C ASN D 52 7.06 -8.07 18.32
N GLU D 53 8.22 -8.28 18.99
CA GLU D 53 8.56 -7.35 20.05
C GLU D 53 10.06 -6.73 20.16
N ARG D 54 10.22 -5.69 21.02
CA ARG D 54 11.50 -5.03 21.38
C ARG D 54 12.33 -4.31 20.33
N GLU D 55 12.11 -3.01 20.23
CA GLU D 55 12.83 -2.14 19.32
C GLU D 55 12.57 -0.76 19.91
N LYS D 56 13.57 -0.18 20.55
CA LYS D 56 13.42 1.13 21.18
C LYS D 56 14.79 1.75 21.45
N HIS D 57 15.16 2.72 20.64
CA HIS D 57 16.47 3.33 20.79
C HIS D 57 16.46 4.79 21.18
N SER D 58 17.64 5.30 21.43
CA SER D 58 17.74 6.65 21.83
C SER D 58 17.11 7.14 23.13
N GLY D 59 17.23 6.14 24.02
CA GLY D 59 17.21 6.40 25.42
C GLY D 59 15.89 6.57 25.69
N ARG D 60 15.50 7.47 26.58
CA ARG D 60 14.07 7.73 26.79
C ARG D 60 13.31 7.46 25.48
N LEU D 61 12.78 6.21 25.43
CA LEU D 61 12.11 5.62 24.22
C LEU D 61 11.75 4.07 24.44
N ARG D 62 10.63 3.46 24.55
CA ARG D 62 10.96 2.08 24.67
C ARG D 62 9.84 1.46 24.17
N VAL D 63 9.97 0.81 23.03
CA VAL D 63 8.79 0.28 22.38
C VAL D 63 8.53 -1.16 22.73
N THR D 64 7.41 -1.39 23.38
CA THR D 64 7.04 -2.73 23.78
C THR D 64 5.67 -3.09 23.23
N LEU D 65 5.64 -3.86 22.14
CA LEU D 65 4.38 -4.27 21.54
C LEU D 65 4.02 -5.65 22.07
N ASP D 66 2.75 -5.81 22.46
CA ASP D 66 2.25 -7.07 23.00
C ASP D 66 0.86 -7.38 22.44
N THR D 67 0.83 -8.00 21.26
CA THR D 67 -0.42 -8.36 20.59
C THR D 67 -1.40 -9.06 21.53
N SER D 68 -0.86 -9.87 22.44
CA SER D 68 -1.70 -10.60 23.38
C SER D 68 -2.76 -9.72 24.03
N LYS D 69 -2.33 -8.60 24.62
CA LYS D 69 -3.24 -7.67 25.28
C LYS D 69 -3.57 -6.42 24.47
N LYS D 70 -3.24 -6.46 23.19
CA LYS D 70 -3.51 -5.33 22.30
C LYS D 70 -3.10 -3.99 22.91
N SER D 71 -1.80 -3.82 23.15
CA SER D 71 -1.28 -2.58 23.71
C SER D 71 0.23 -2.44 23.61
N SER D 72 0.68 -1.18 23.54
CA SER D 72 2.11 -0.90 23.45
C SER D 72 2.51 -0.19 24.74
N SER D 73 3.68 0.44 24.72
CA SER D 73 4.19 1.17 25.89
C SER D 73 5.52 1.82 25.56
N LEU D 74 5.60 3.15 25.70
CA LEU D 74 6.83 3.88 25.44
C LEU D 74 7.37 4.42 26.76
N LEU D 75 8.56 3.95 27.13
CA LEU D 75 9.24 4.35 28.36
C LEU D 75 10.46 5.22 28.08
N ILE D 76 10.65 6.26 28.90
CA ILE D 76 11.78 7.17 28.73
C ILE D 76 12.79 7.02 29.86
N THR D 77 13.96 6.47 29.54
CA THR D 77 15.01 6.27 30.53
C THR D 77 15.54 7.59 31.07
N ALA D 78 15.18 8.69 30.40
CA ALA D 78 15.64 10.00 30.82
C ALA D 78 14.74 11.15 30.38
N SER D 79 13.85 11.58 31.28
CA SER D 79 12.95 12.70 30.96
C SER D 79 13.75 13.93 30.56
N ARG D 80 13.05 15.04 30.38
CA ARG D 80 13.63 16.34 30.02
C ARG D 80 12.49 17.35 29.96
N ALA D 81 12.80 18.57 29.52
CA ALA D 81 11.78 19.60 29.42
C ALA D 81 11.03 19.39 28.11
N ALA D 82 11.77 18.95 27.08
CA ALA D 82 11.21 18.71 25.76
C ALA D 82 10.34 17.45 25.69
N ASP D 83 10.70 16.44 26.47
CA ASP D 83 9.98 15.16 26.50
C ASP D 83 8.63 15.15 27.24
N THR D 84 8.24 16.29 27.80
CA THR D 84 6.95 16.37 28.48
C THR D 84 6.00 16.63 27.32
N ALA D 85 4.79 16.07 27.36
CA ALA D 85 3.89 16.29 26.23
C ALA D 85 2.48 15.76 26.42
N SER D 86 1.86 15.72 25.22
CA SER D 86 0.67 14.93 24.94
C SER D 86 1.10 13.63 23.94
N TYR D 87 1.36 12.36 24.41
CA TYR D 87 1.75 11.24 23.53
C TYR D 87 0.65 10.22 23.20
N PHE D 88 0.74 9.67 21.99
CA PHE D 88 -0.19 8.65 21.50
C PHE D 88 0.39 7.92 20.29
N CYS D 89 -0.14 6.73 20.04
CA CYS D 89 0.33 5.89 18.94
C CYS D 89 -0.77 5.69 17.89
N ALA D 90 -0.35 5.42 16.66
CA ALA D 90 -1.29 5.19 15.56
C ALA D 90 -1.04 3.79 15.01
N THR D 91 -2.09 3.14 14.53
CA THR D 91 -1.93 1.80 13.99
C THR D 91 -2.79 1.53 12.76
N ASP D 92 -2.25 0.69 11.87
CA ASP D 92 -2.96 0.34 10.65
C ASP D 92 -3.53 -1.05 10.90
N THR D 93 -4.83 -1.19 10.71
CA THR D 93 -5.47 -2.47 10.93
C THR D 93 -5.12 -3.44 9.78
N THR D 94 -4.90 -4.72 10.10
CA THR D 94 -4.52 -5.67 9.08
C THR D 94 -5.66 -6.15 8.21
N SER D 95 -5.32 -6.51 6.97
CA SER D 95 -6.27 -6.97 5.99
C SER D 95 -7.39 -5.96 5.87
N GLY D 96 -6.99 -4.70 5.96
CA GLY D 96 -7.91 -3.58 5.84
C GLY D 96 -7.36 -2.63 4.79
N THR D 97 -7.61 -1.33 4.98
CA THR D 97 -7.10 -0.35 4.06
C THR D 97 -5.77 0.11 4.63
N TYR D 98 -5.24 1.22 4.14
CA TYR D 98 -3.98 1.70 4.70
C TYR D 98 -4.25 2.71 5.82
N LYS D 99 -5.51 2.92 6.19
CA LYS D 99 -5.84 3.92 7.21
C LYS D 99 -5.22 3.64 8.56
N TYR D 100 -4.76 4.73 9.21
CA TYR D 100 -4.14 4.70 10.54
C TYR D 100 -5.04 5.44 11.52
N ILE D 101 -5.38 4.82 12.64
CA ILE D 101 -6.21 5.53 13.63
C ILE D 101 -5.49 5.58 14.97
N PHE D 102 -5.09 6.78 15.38
CA PHE D 102 -4.38 6.95 16.65
C PHE D 102 -5.18 6.44 17.85
N GLY D 103 -4.51 6.27 18.99
CA GLY D 103 -5.18 5.78 20.19
C GLY D 103 -5.45 6.78 21.29
N THR D 104 -4.51 6.88 22.23
CA THR D 104 -4.65 7.82 23.34
C THR D 104 -3.27 8.10 23.90
N GLY E 1 11.85 10.04 -0.23
CA GLY E 1 11.92 11.14 0.77
C GLY E 1 10.58 11.41 1.41
N ALA E 2 10.48 12.50 2.18
CA ALA E 2 9.23 12.85 2.84
C ALA E 2 9.18 14.31 3.21
N VAL E 3 8.00 14.89 3.03
CA VAL E 3 7.75 16.29 3.35
C VAL E 3 6.25 16.52 3.10
N VAL E 4 5.67 17.50 3.77
CA VAL E 4 4.24 17.77 3.61
C VAL E 4 3.90 19.23 3.72
N SER E 5 2.93 19.67 2.93
CA SER E 5 2.54 21.07 2.96
C SER E 5 1.05 21.37 2.86
N GLN E 6 0.46 21.77 3.98
CA GLN E 6 -0.94 22.13 4.01
C GLN E 6 -0.91 23.66 3.87
N HIS E 7 -1.12 24.15 2.65
CA HIS E 7 -1.07 25.59 2.36
C HIS E 7 -1.61 26.48 3.48
N PRO E 8 -2.93 26.71 3.54
CA PRO E 8 -3.40 27.57 4.63
C PRO E 8 -3.21 26.98 6.03
N SER E 9 -2.12 27.37 6.69
CA SER E 9 -1.80 26.90 8.04
C SER E 9 -2.80 27.51 9.01
N TRP E 10 -2.92 28.84 8.92
CA TRP E 10 -3.87 29.60 9.73
C TRP E 10 -4.78 30.27 8.72
N VAL E 11 -6.06 29.88 8.74
CA VAL E 11 -7.03 30.44 7.82
C VAL E 11 -8.23 30.90 8.60
N ILE E 12 -8.78 32.05 8.20
CA ILE E 12 -9.94 32.61 8.85
C ILE E 12 -11.07 32.82 7.84
N SER E 13 -12.22 32.20 8.12
CA SER E 13 -13.40 32.30 7.28
C SER E 13 -14.62 32.55 8.16
N LYS E 14 -15.48 33.46 7.75
CA LYS E 14 -16.68 33.81 8.51
C LYS E 14 -17.55 32.59 8.72
N SER E 15 -18.26 32.55 9.84
CA SER E 15 -19.15 31.43 10.15
C SER E 15 -20.11 31.31 8.98
N GLY E 16 -19.67 30.58 7.97
CA GLY E 16 -20.44 30.39 6.76
C GLY E 16 -19.56 30.85 5.61
N THR E 17 -18.90 29.91 4.95
CA THR E 17 -18.01 30.22 3.83
C THR E 17 -17.64 28.92 3.18
N SER E 18 -16.41 28.92 2.67
CA SER E 18 -15.72 27.76 2.09
C SER E 18 -14.15 27.82 2.22
N VAL E 19 -13.57 27.25 3.31
CA VAL E 19 -12.11 27.22 3.51
C VAL E 19 -11.58 25.93 2.90
N LYS E 20 -10.65 26.04 1.96
CA LYS E 20 -10.08 24.87 1.30
C LYS E 20 -8.60 24.66 1.61
N ILE E 21 -8.28 23.50 2.18
CA ILE E 21 -6.92 23.14 2.55
C ILE E 21 -6.32 22.24 1.47
N GLU E 22 -5.05 22.45 1.14
CA GLU E 22 -4.38 21.68 0.10
C GLU E 22 -3.24 20.76 0.53
N CYS E 23 -3.54 19.54 0.94
CA CYS E 23 -2.47 18.62 1.33
C CYS E 23 -1.66 18.27 0.09
N ARG E 24 -0.39 18.65 0.07
CA ARG E 24 0.47 18.36 -1.08
C ARG E 24 1.57 17.37 -0.72
N SER E 25 2.44 17.06 -1.68
CA SER E 25 3.49 16.11 -1.42
C SER E 25 4.85 16.63 -1.90
N LEU E 26 5.90 16.05 -1.36
CA LEU E 26 7.23 16.44 -1.72
C LEU E 26 7.84 15.93 -3.01
N ASP E 27 8.45 14.75 -2.98
CA ASP E 27 9.14 14.27 -4.17
C ASP E 27 8.79 12.86 -4.23
N PHE E 28 7.67 12.59 -3.58
CA PHE E 28 7.10 11.25 -3.60
C PHE E 28 5.70 11.31 -4.19
N GLN E 29 5.21 10.17 -4.66
CA GLN E 29 3.88 10.14 -5.25
C GLN E 29 2.87 9.60 -4.26
N ALA E 30 1.77 10.31 -4.07
CA ALA E 30 0.76 9.87 -3.12
C ALA E 30 -0.56 9.49 -3.75
N THR E 31 -0.73 8.20 -3.96
CA THR E 31 -1.96 7.71 -4.54
C THR E 31 -3.09 7.91 -3.54
N THR E 32 -2.78 7.85 -2.26
CA THR E 32 -3.78 8.02 -1.20
C THR E 32 -3.28 8.91 -0.07
N MET E 33 -4.19 9.67 0.52
CA MET E 33 -3.87 10.57 1.63
C MET E 33 -4.99 10.52 2.64
N PHE E 34 -4.83 11.20 3.77
CA PHE E 34 -5.87 11.18 4.78
C PHE E 34 -6.00 12.54 5.45
N TRP E 35 -7.16 12.83 6.02
CA TRP E 35 -7.38 14.08 6.70
C TRP E 35 -7.83 13.84 8.13
N TYR E 36 -6.97 14.19 9.09
CA TYR E 36 -7.30 14.02 10.50
C TYR E 36 -7.69 15.39 11.06
N ARG E 37 -8.74 15.42 11.88
CA ARG E 37 -9.23 16.66 12.50
C ARG E 37 -9.09 16.59 14.01
N GLN E 38 -8.01 17.15 14.55
CA GLN E 38 -7.79 17.13 16.00
C GLN E 38 -8.15 18.45 16.65
N PHE E 39 -8.30 18.43 17.96
CA PHE E 39 -8.71 19.60 18.73
C PHE E 39 -7.71 19.71 19.93
N PRO E 40 -8.12 20.31 21.05
CA PRO E 40 -7.18 20.40 22.18
C PRO E 40 -6.56 19.02 22.74
N LYS E 41 -7.38 18.03 23.18
CA LYS E 41 -6.81 16.78 23.76
C LYS E 41 -7.10 15.53 22.95
N GLN E 42 -8.38 15.24 22.71
CA GLN E 42 -8.79 14.05 21.95
C GLN E 42 -7.77 13.67 20.87
N SER E 43 -7.37 12.41 20.86
CA SER E 43 -6.38 11.92 19.90
C SER E 43 -6.80 12.17 18.45
N LEU E 44 -5.83 12.59 17.64
CA LEU E 44 -6.05 12.88 16.24
C LEU E 44 -7.12 11.95 15.64
N MET E 45 -8.18 12.54 15.12
CA MET E 45 -9.28 11.79 14.53
C MET E 45 -9.23 11.77 12.99
N LEU E 46 -9.51 10.60 12.41
CA LEU E 46 -9.52 10.40 10.96
C LEU E 46 -10.86 10.82 10.39
N MET E 47 -10.85 11.83 9.53
CA MET E 47 -12.08 12.31 8.92
C MET E 47 -12.43 11.51 7.69
N ALA E 48 -11.47 11.39 6.79
CA ALA E 48 -11.73 10.65 5.57
C ALA E 48 -10.45 10.21 4.88
N THR E 49 -10.60 9.34 3.90
CA THR E 49 -9.47 8.87 3.13
C THR E 49 -9.74 9.37 1.73
N SER E 50 -8.71 9.87 1.06
CA SER E 50 -8.88 10.36 -0.29
C SER E 50 -7.85 9.69 -1.16
N ASN E 51 -8.28 9.19 -2.31
CA ASN E 51 -7.31 8.57 -3.19
C ASN E 51 -7.62 8.68 -4.65
N GLU E 52 -6.62 9.15 -5.40
CA GLU E 52 -6.73 9.28 -6.83
C GLU E 52 -7.01 7.87 -7.28
N GLY E 53 -7.24 7.68 -8.57
CA GLY E 53 -7.56 6.36 -9.04
C GLY E 53 -9.07 6.39 -8.88
N SER E 54 -9.64 7.48 -9.38
CA SER E 54 -11.09 7.72 -9.37
C SER E 54 -11.68 6.92 -8.16
N LYS E 55 -11.93 5.67 -7.93
CA LYS E 55 -12.29 5.62 -6.48
C LYS E 55 -12.45 6.91 -5.37
N ALA E 56 -13.72 7.39 -5.36
CA ALA E 56 -14.40 8.46 -4.64
C ALA E 56 -13.76 8.90 -3.40
N THR E 57 -13.89 8.17 -2.34
CA THR E 57 -13.23 8.63 -1.14
C THR E 57 -14.06 8.04 -0.08
N TYR E 58 -13.43 7.73 1.02
CA TYR E 58 -14.17 7.08 2.07
C TYR E 58 -14.19 7.82 3.40
N GLU E 59 -15.29 8.56 3.58
CA GLU E 59 -15.55 9.35 4.78
C GLU E 59 -15.70 8.33 5.92
N GLN E 60 -15.05 8.58 7.06
CA GLN E 60 -15.12 7.64 8.17
C GLN E 60 -16.31 7.79 9.11
N GLY E 61 -16.17 7.20 10.29
CA GLY E 61 -17.21 7.24 11.31
C GLY E 61 -18.66 7.63 11.04
N VAL E 62 -18.88 8.87 10.63
CA VAL E 62 -20.21 9.41 10.32
C VAL E 62 -19.90 10.92 10.22
N GLU E 63 -19.69 11.57 9.13
CA GLU E 63 -19.41 12.94 9.41
C GLU E 63 -19.89 13.43 8.15
N LYS E 64 -20.25 12.39 7.47
CA LYS E 64 -20.84 12.33 6.17
C LYS E 64 -21.06 13.53 5.25
N ASP E 65 -22.02 14.39 5.44
CA ASP E 65 -22.15 15.37 4.41
C ASP E 65 -20.99 16.28 3.88
N LYS E 66 -21.11 17.55 4.22
CA LYS E 66 -20.19 18.61 3.83
C LYS E 66 -18.71 18.34 4.16
N PHE E 67 -17.83 19.19 3.64
CA PHE E 67 -16.36 19.10 3.84
C PHE E 67 -15.56 18.41 2.70
N LEU E 68 -16.12 18.46 1.49
CA LEU E 68 -15.61 17.83 0.26
C LEU E 68 -14.16 17.72 -0.23
N ILE E 69 -13.72 16.46 -0.27
CA ILE E 69 -12.38 16.02 -0.65
C ILE E 69 -12.19 15.76 -2.14
N ASN E 70 -11.28 16.49 -2.77
CA ASN E 70 -11.03 16.32 -4.21
C ASN E 70 -9.58 15.98 -4.54
N HIS E 71 -9.27 14.68 -4.50
CA HIS E 71 -7.93 14.17 -4.78
C HIS E 71 -7.75 13.96 -6.29
N ALA E 72 -6.80 14.67 -6.89
CA ALA E 72 -6.60 14.52 -8.32
C ALA E 72 -5.16 14.41 -8.76
N SER E 73 -4.24 14.93 -7.96
CA SER E 73 -2.85 14.91 -8.37
C SER E 73 -2.11 13.61 -8.42
N LEU E 74 -1.82 13.13 -7.22
CA LEU E 74 -1.04 11.95 -7.04
C LEU E 74 0.34 12.43 -7.25
N THR E 75 0.13 13.56 -6.46
CA THR E 75 0.75 14.76 -5.69
C THR E 75 -0.17 15.55 -4.59
N LEU E 76 -1.26 16.16 -5.08
CA LEU E 76 -2.22 16.95 -4.26
C LEU E 76 -3.50 16.23 -3.79
N SER E 77 -4.31 16.95 -3.01
CA SER E 77 -5.59 16.53 -2.48
C SER E 77 -6.20 17.88 -2.16
N THR E 78 -7.38 17.92 -1.59
CA THR E 78 -7.98 19.20 -1.28
C THR E 78 -9.18 18.94 -0.39
N LEU E 79 -9.28 19.70 0.68
CA LEU E 79 -10.36 19.54 1.63
C LEU E 79 -11.10 20.85 1.76
N THR E 80 -12.22 20.97 1.07
CA THR E 80 -13.01 22.19 1.13
C THR E 80 -14.18 22.02 2.07
N VAL E 81 -14.11 22.62 3.25
CA VAL E 81 -15.22 22.52 4.18
C VAL E 81 -16.30 23.36 3.52
N THR E 82 -17.56 23.02 3.72
CA THR E 82 -18.62 23.80 3.12
C THR E 82 -19.38 24.56 4.20
N SER E 83 -19.95 25.70 3.83
CA SER E 83 -20.65 26.53 4.80
C SER E 83 -19.58 26.74 5.86
N ALA E 84 -19.97 26.83 7.12
CA ALA E 84 -18.98 27.01 8.18
C ALA E 84 -19.67 27.18 9.52
N HIS E 85 -18.92 26.91 10.58
CA HIS E 85 -19.47 27.03 11.92
C HIS E 85 -18.34 27.15 12.92
N PRO E 86 -18.64 27.70 14.11
CA PRO E 86 -17.66 27.87 15.18
C PRO E 86 -17.67 26.64 16.09
N GLU E 87 -17.62 25.48 15.45
CA GLU E 87 -17.60 24.20 16.15
C GLU E 87 -16.69 23.32 15.31
N ASP E 88 -16.46 23.79 14.08
CA ASP E 88 -15.61 23.11 13.12
C ASP E 88 -14.20 23.65 13.26
N SER E 89 -13.99 24.47 14.30
CA SER E 89 -12.69 25.04 14.56
C SER E 89 -11.86 24.00 15.32
N SER E 90 -10.88 23.45 14.62
CA SER E 90 -10.00 22.44 15.19
C SER E 90 -8.75 22.36 14.33
N PHE E 91 -7.88 21.43 14.66
CA PHE E 91 -6.65 21.27 13.92
C PHE E 91 -6.89 20.28 12.77
N TYR E 92 -6.29 20.56 11.63
CA TYR E 92 -6.46 19.70 10.48
C TYR E 92 -5.12 19.26 9.91
N ILE E 93 -4.74 18.02 10.24
CA ILE E 93 -3.49 17.45 9.76
C ILE E 93 -3.80 16.37 8.71
N CYS E 94 -2.87 16.18 7.77
CA CYS E 94 -3.03 15.21 6.70
C CYS E 94 -1.76 14.40 6.42
N SER E 95 -1.95 13.11 6.18
CA SER E 95 -0.83 12.21 5.87
C SER E 95 -0.89 11.85 4.40
N ALA E 96 0.01 10.97 3.95
CA ALA E 96 0.03 10.57 2.55
C ALA E 96 0.94 9.37 2.27
N ARG E 97 0.36 8.18 2.32
CA ARG E 97 1.10 6.94 2.08
C ARG E 97 2.00 7.01 0.86
N ASP E 98 3.24 6.60 1.02
CA ASP E 98 4.18 6.61 -0.11
C ASP E 98 3.87 5.41 -0.98
N LEU E 99 3.19 5.72 -2.07
CA LEU E 99 2.75 4.77 -3.06
C LEU E 99 3.65 3.58 -3.29
N THR E 100 4.91 3.68 -2.92
CA THR E 100 5.78 2.53 -3.14
C THR E 100 6.09 1.71 -1.88
N SER E 101 5.70 2.22 -0.71
CA SER E 101 5.94 1.50 0.52
C SER E 101 5.55 0.03 0.33
N GLY E 102 4.41 -0.19 -0.28
CA GLY E 102 3.91 -1.54 -0.48
C GLY E 102 3.38 -2.05 0.85
N ALA E 103 4.04 -3.08 1.40
CA ALA E 103 3.66 -3.57 2.71
C ALA E 103 4.23 -2.43 3.52
N ASN E 104 4.53 -2.63 4.80
CA ASN E 104 5.05 -1.52 5.57
C ASN E 104 4.52 -0.17 5.05
N ASN E 105 3.24 0.04 5.34
CA ASN E 105 2.52 1.23 4.98
C ASN E 105 3.34 2.43 5.47
N GLU E 106 3.87 3.23 4.55
CA GLU E 106 4.66 4.39 4.96
C GLU E 106 3.97 5.71 4.66
N GLN E 107 3.47 6.35 5.72
CA GLN E 107 2.77 7.63 5.59
C GLN E 107 3.63 8.78 6.14
N PHE E 108 3.30 10.01 5.75
CA PHE E 108 4.04 11.18 6.20
C PHE E 108 3.11 12.41 6.43
N PHE E 109 2.79 12.69 7.69
CA PHE E 109 1.89 13.80 8.01
C PHE E 109 2.40 15.21 7.75
N GLY E 110 1.48 16.10 7.41
CA GLY E 110 1.82 17.49 7.14
C GLY E 110 1.88 18.37 8.36
N PRO E 111 2.37 19.61 8.21
CA PRO E 111 2.47 20.55 9.33
C PRO E 111 1.15 20.77 10.06
N GLY E 112 0.09 20.97 9.31
CA GLY E 112 -1.21 21.18 9.92
C GLY E 112 -1.84 22.50 9.58
N THR E 113 -3.08 22.70 10.01
CA THR E 113 -3.80 23.93 9.74
C THR E 113 -4.87 24.17 10.80
N ARG E 114 -4.90 25.40 11.32
CA ARG E 114 -5.89 25.77 12.34
C ARG E 114 -6.87 26.73 11.67
N LEU E 115 -8.06 26.22 11.38
CA LEU E 115 -9.07 27.05 10.73
C LEU E 115 -9.77 27.87 11.79
N THR E 116 -9.59 29.19 11.70
CA THR E 116 -10.20 30.12 12.63
C THR E 116 -11.49 30.66 12.00
N VAL E 117 -12.58 29.92 12.17
CA VAL E 117 -13.86 30.32 11.63
C VAL E 117 -14.66 31.03 12.72
N LEU E 118 -14.32 32.31 12.92
CA LEU E 118 -14.98 33.14 13.92
C LEU E 118 -16.40 33.48 13.49
N GLU E 119 -17.25 33.76 14.46
CA GLU E 119 -18.65 34.09 14.18
C GLU E 119 -18.81 35.49 13.60
N ASP E 120 -17.90 36.39 13.97
CA ASP E 120 -17.96 37.76 13.47
C ASP E 120 -16.54 38.31 13.34
N LEU E 121 -16.25 38.96 12.21
CA LEU E 121 -14.93 39.52 11.98
C LEU E 121 -14.61 40.65 12.96
N LYS E 122 -15.63 41.08 13.71
CA LYS E 122 -15.45 42.15 14.70
C LYS E 122 -14.65 41.71 15.92
N ASN E 123 -14.26 40.44 15.94
CA ASN E 123 -13.50 39.91 17.06
C ASN E 123 -11.97 39.93 16.85
N VAL E 124 -11.52 40.20 15.62
CA VAL E 124 -10.08 40.23 15.32
C VAL E 124 -9.39 41.57 15.57
N PHE E 125 -8.06 41.51 15.60
CA PHE E 125 -7.17 42.68 15.84
C PHE E 125 -5.68 42.28 15.89
N PRO E 126 -4.86 42.81 15.04
CA PRO E 126 -3.47 42.28 15.36
C PRO E 126 -2.71 42.88 16.67
N PRO E 127 -1.41 42.49 16.93
CA PRO E 127 -0.66 42.99 18.11
C PRO E 127 0.63 43.69 17.68
N GLU E 128 1.13 44.56 18.56
CA GLU E 128 2.36 45.27 18.27
C GLU E 128 3.35 44.84 19.35
N VAL E 129 4.58 44.52 18.93
CA VAL E 129 5.60 44.10 19.88
C VAL E 129 6.66 45.17 20.08
N ALA E 130 7.22 45.22 21.29
CA ALA E 130 8.27 46.19 21.63
C ALA E 130 9.34 45.56 22.52
N VAL E 131 10.60 45.92 22.27
CA VAL E 131 11.75 45.40 23.00
C VAL E 131 11.86 45.92 24.44
N PHE E 132 12.82 45.34 25.19
CA PHE E 132 13.05 45.72 26.59
C PHE E 132 14.51 45.48 26.97
N GLU E 133 15.25 46.56 27.18
CA GLU E 133 16.67 46.49 27.54
C GLU E 133 16.91 45.90 28.92
N PRO E 134 18.03 45.17 29.09
CA PRO E 134 18.40 44.53 30.36
C PRO E 134 18.70 45.52 31.47
N SER E 135 18.52 45.06 32.71
CA SER E 135 18.78 45.89 33.88
C SER E 135 20.29 45.95 34.13
N GLU E 136 20.78 47.13 34.51
CA GLU E 136 22.19 47.29 34.80
C GLU E 136 22.53 46.39 35.98
N ALA E 137 21.50 45.93 36.67
CA ALA E 137 21.65 45.06 37.84
C ALA E 137 21.95 43.60 37.46
N GLU E 138 21.28 43.12 36.42
CA GLU E 138 21.47 41.75 35.97
C GLU E 138 22.79 41.61 35.22
N ILE E 139 23.11 42.59 34.40
CA ILE E 139 24.33 42.57 33.62
C ILE E 139 25.57 42.56 34.50
N SER E 140 25.40 42.91 35.77
CA SER E 140 26.51 42.95 36.72
C SER E 140 26.53 41.72 37.63
N HIS E 141 25.41 41.49 38.33
CA HIS E 141 25.28 40.37 39.25
C HIS E 141 25.55 39.02 38.60
N THR E 142 25.18 38.87 37.34
CA THR E 142 25.36 37.60 36.64
C THR E 142 26.28 37.68 35.43
N GLN E 143 26.50 38.89 34.92
CA GLN E 143 27.34 39.09 33.74
C GLN E 143 26.53 38.63 32.52
N LYS E 144 25.23 38.47 32.73
CA LYS E 144 24.31 38.04 31.70
C LYS E 144 23.13 39.02 31.60
N ALA E 145 22.58 39.18 30.40
CA ALA E 145 21.47 40.11 30.20
C ALA E 145 20.25 39.48 29.53
N THR E 146 19.18 39.29 30.31
CA THR E 146 17.96 38.70 29.78
C THR E 146 17.06 39.77 29.18
N LEU E 147 17.15 39.96 27.86
CA LEU E 147 16.33 40.94 27.15
C LEU E 147 14.97 40.28 26.98
N VAL E 148 13.89 40.98 27.31
CA VAL E 148 12.55 40.38 27.23
C VAL E 148 11.56 41.04 26.26
N CYS E 149 10.87 40.22 25.47
CA CYS E 149 9.88 40.73 24.52
C CYS E 149 8.45 40.38 24.91
N LEU E 150 7.50 40.88 24.15
CA LEU E 150 6.09 40.67 24.44
C LEU E 150 5.30 41.36 23.32
N ALA E 151 4.08 40.89 23.07
CA ALA E 151 3.20 41.46 22.04
C ALA E 151 1.89 41.92 22.69
N THR E 152 1.17 42.84 22.05
CA THR E 152 -0.07 43.31 22.64
C THR E 152 -1.33 43.37 21.78
N GLY E 153 -2.26 42.46 22.07
CA GLY E 153 -3.55 42.42 21.40
C GLY E 153 -3.82 41.81 20.02
N PHE E 154 -3.43 40.56 19.80
CA PHE E 154 -3.71 39.96 18.50
C PHE E 154 -4.81 38.91 18.48
N TYR E 155 -5.27 38.60 17.26
CA TYR E 155 -6.33 37.64 17.03
C TYR E 155 -6.55 37.54 15.52
N PRO E 156 -6.56 36.32 14.95
CA PRO E 156 -6.41 35.02 15.64
C PRO E 156 -5.01 34.82 16.21
N ASP E 157 -4.85 33.77 17.02
CA ASP E 157 -3.54 33.50 17.60
C ASP E 157 -2.67 32.95 16.49
N HIS E 158 -2.15 33.83 15.65
CA HIS E 158 -1.31 33.40 14.55
C HIS E 158 -0.02 34.22 14.55
N VAL E 159 1.03 33.65 15.13
CA VAL E 159 2.30 34.35 15.22
C VAL E 159 3.57 33.50 15.17
N GLU E 160 4.49 33.90 14.30
CA GLU E 160 5.78 33.24 14.15
C GLU E 160 6.80 34.23 14.70
N LEU E 161 6.91 34.28 16.02
CA LEU E 161 7.81 35.18 16.74
C LEU E 161 9.28 34.80 16.62
N SER E 162 10.05 35.64 15.93
CA SER E 162 11.47 35.36 15.71
C SER E 162 12.43 36.37 16.34
N TRP E 163 13.60 35.88 16.76
CA TRP E 163 14.63 36.71 17.38
C TRP E 163 15.86 36.88 16.50
N TRP E 164 15.89 37.99 15.76
CA TRP E 164 17.00 38.27 14.86
C TRP E 164 18.04 39.17 15.51
N VAL E 165 19.11 38.58 16.02
CA VAL E 165 20.18 39.34 16.67
C VAL E 165 21.25 39.78 15.67
N ASN E 166 21.64 41.04 15.77
CA ASN E 166 22.66 41.64 14.90
C ASN E 166 22.50 41.29 13.42
N GLY E 167 21.29 41.46 12.90
CA GLY E 167 21.04 41.16 11.50
C GLY E 167 20.32 39.85 11.24
N LYS E 168 21.08 38.78 11.07
CA LYS E 168 20.50 37.47 10.82
C LYS E 168 19.79 36.96 12.06
N GLU E 169 18.85 36.04 11.87
CA GLU E 169 18.08 35.48 12.98
C GLU E 169 18.79 34.31 13.66
N VAL E 170 18.73 34.29 15.00
CA VAL E 170 19.36 33.23 15.79
C VAL E 170 18.32 32.65 16.73
N HIS E 171 18.33 31.32 16.92
CA HIS E 171 17.37 30.67 17.79
C HIS E 171 17.99 29.97 19.00
N SER E 172 19.20 30.39 19.36
CA SER E 172 19.91 29.80 20.50
C SER E 172 19.79 30.64 21.79
N GLY E 173 18.72 30.44 22.55
CA GLY E 173 18.56 31.16 23.79
C GLY E 173 17.18 31.74 24.06
N VAL E 174 16.25 31.53 23.13
CA VAL E 174 14.90 32.06 23.26
C VAL E 174 14.00 31.21 24.17
N SER E 175 12.83 31.77 24.50
CA SER E 175 11.82 31.12 25.35
C SER E 175 10.50 31.86 25.15
N THR E 176 9.54 31.21 24.50
CA THR E 176 8.24 31.84 24.25
C THR E 176 7.09 31.16 25.00
N ASP E 177 6.30 31.94 25.73
CA ASP E 177 5.17 31.44 26.50
C ASP E 177 4.33 30.43 25.70
N PRO E 178 4.06 29.26 26.31
CA PRO E 178 3.26 28.19 25.67
C PRO E 178 1.84 28.62 25.30
N GLN E 179 1.08 29.05 26.31
CA GLN E 179 -0.29 29.50 26.11
C GLN E 179 -0.42 30.98 26.39
N PRO E 180 -1.35 31.68 25.72
CA PRO E 180 -1.57 33.11 25.90
C PRO E 180 -2.43 33.44 27.12
N LEU E 181 -2.32 34.69 27.57
CA LEU E 181 -3.08 35.16 28.71
C LEU E 181 -4.08 36.17 28.17
N LYS E 182 -5.00 35.70 27.34
CA LYS E 182 -6.02 36.54 26.75
C LYS E 182 -6.27 37.78 27.59
N GLU E 183 -6.14 38.95 26.98
CA GLU E 183 -6.36 40.23 27.67
C GLU E 183 -7.36 40.10 28.80
N GLN E 184 -8.61 39.82 28.45
CA GLN E 184 -9.68 39.64 29.41
C GLN E 184 -10.23 38.22 29.25
N PRO E 185 -9.54 37.22 29.82
CA PRO E 185 -9.95 35.82 29.73
C PRO E 185 -11.35 35.55 30.24
N ALA E 186 -11.61 35.94 31.50
CA ALA E 186 -12.93 35.74 32.10
C ALA E 186 -14.00 36.24 31.14
N LEU E 187 -13.58 37.08 30.20
CA LEU E 187 -14.48 37.63 29.19
C LEU E 187 -14.25 36.83 27.91
N ASN E 188 -15.34 36.49 27.23
CA ASN E 188 -15.27 35.69 26.01
C ASN E 188 -14.24 36.05 24.93
N ASP E 189 -14.44 37.18 24.26
CA ASP E 189 -13.54 37.58 23.17
C ASP E 189 -12.26 38.34 23.48
N SER E 190 -11.56 37.98 24.56
CA SER E 190 -10.32 38.66 24.90
C SER E 190 -9.21 38.36 23.89
N ARG E 191 -8.43 39.38 23.53
CA ARG E 191 -7.31 39.22 22.61
C ARG E 191 -6.26 38.39 23.35
N TYR E 192 -5.12 38.10 22.71
CA TYR E 192 -4.09 37.29 23.35
C TYR E 192 -2.74 37.99 23.54
N SER E 193 -2.02 37.60 24.59
CA SER E 193 -0.71 38.18 24.90
C SER E 193 0.35 37.07 25.10
N LEU E 194 1.50 37.22 24.45
CA LEU E 194 2.61 36.25 24.55
C LEU E 194 3.98 36.92 24.77
N SER E 195 4.72 36.43 25.76
CA SER E 195 6.04 37.00 26.09
C SER E 195 7.19 36.04 25.83
N SER E 196 8.35 36.59 25.49
CA SER E 196 9.55 35.80 25.20
C SER E 196 10.81 36.55 25.61
N ARG E 197 11.70 35.85 26.33
CA ARG E 197 12.95 36.45 26.79
C ARG E 197 14.13 35.92 25.97
N LEU E 198 15.10 36.78 25.68
CA LEU E 198 16.28 36.41 24.90
C LEU E 198 17.60 36.67 25.61
N ARG E 199 17.93 35.83 26.59
CA ARG E 199 19.17 35.96 27.34
C ARG E 199 20.32 35.42 26.49
N VAL E 200 21.23 36.31 26.09
CA VAL E 200 22.37 35.92 25.29
C VAL E 200 23.67 36.30 25.97
N SER E 201 23.85 37.60 26.16
CA SER E 201 25.04 38.12 26.82
C SER E 201 26.37 37.68 26.18
N ALA E 202 27.51 37.62 26.84
CA ALA E 202 28.72 37.44 26.02
C ALA E 202 29.27 38.88 25.83
N THR E 203 28.95 39.70 26.80
CA THR E 203 29.39 41.07 26.87
C THR E 203 28.99 41.79 25.60
N PHE E 204 27.88 41.36 25.02
CA PHE E 204 27.37 41.95 23.79
C PHE E 204 25.98 42.55 24.01
N TRP E 205 25.25 42.05 25.01
CA TRP E 205 23.92 42.55 25.33
C TRP E 205 23.96 44.07 25.42
N GLN E 206 25.17 44.57 25.68
CA GLN E 206 25.45 46.00 25.80
C GLN E 206 26.81 46.21 25.13
N ASN E 207 26.78 46.35 23.80
CA ASN E 207 28.00 46.54 23.03
C ASN E 207 27.74 47.49 21.86
N PRO E 208 28.75 47.69 21.00
CA PRO E 208 28.58 48.58 19.86
C PRO E 208 27.35 48.52 18.96
N ARG E 209 27.39 47.66 17.94
CA ARG E 209 26.33 47.69 16.95
C ARG E 209 25.18 46.97 17.47
N ASN E 210 25.37 45.66 17.54
CA ASN E 210 24.37 44.75 18.08
C ASN E 210 22.93 45.00 17.58
N HIS E 211 22.51 45.12 16.36
CA HIS E 211 21.13 45.44 16.42
C HIS E 211 20.09 44.29 16.57
N PHE E 212 19.33 44.10 17.69
CA PHE E 212 18.39 42.97 17.74
C PHE E 212 16.96 43.46 17.83
N ARG E 213 16.12 42.96 16.94
CA ARG E 213 14.72 43.37 16.92
C ARG E 213 13.79 42.19 17.18
N CYS E 214 12.91 42.33 18.16
CA CYS E 214 11.96 41.29 18.46
C CYS E 214 11.07 41.25 17.22
N GLN E 215 10.54 40.07 16.88
CA GLN E 215 9.69 39.97 15.70
C GLN E 215 8.43 39.14 15.91
N VAL E 216 7.39 39.48 15.16
CA VAL E 216 6.11 38.77 15.23
C VAL E 216 5.42 38.76 13.86
N GLN E 217 5.07 37.57 13.39
CA GLN E 217 4.37 37.41 12.12
C GLN E 217 2.92 37.12 12.47
N PHE E 218 1.98 37.81 11.84
CA PHE E 218 0.58 37.62 12.13
C PHE E 218 -0.20 37.19 10.89
N TYR E 219 -0.85 36.03 10.98
CA TYR E 219 -1.66 35.51 9.88
C TYR E 219 -2.96 36.29 9.86
N GLY E 220 -3.05 37.25 8.95
CA GLY E 220 -4.24 38.09 8.85
C GLY E 220 -5.34 37.58 7.92
N LEU E 221 -6.54 38.13 8.12
CA LEU E 221 -7.71 37.77 7.33
C LEU E 221 -7.40 37.69 5.84
N SER E 222 -8.09 36.79 5.15
CA SER E 222 -7.90 36.60 3.72
C SER E 222 -8.31 37.84 2.95
N GLU E 223 -7.70 38.05 1.79
CA GLU E 223 -8.01 39.21 0.94
C GLU E 223 -9.50 39.23 0.61
N ASN E 224 -10.03 38.05 0.27
CA ASN E 224 -11.44 37.90 -0.08
C ASN E 224 -12.34 37.78 1.14
N ASP E 225 -11.89 38.28 2.28
CA ASP E 225 -12.69 38.24 3.50
C ASP E 225 -13.36 39.59 3.72
N GLU E 226 -14.62 39.55 4.16
CA GLU E 226 -15.40 40.76 4.38
C GLU E 226 -14.87 41.63 5.51
N TRP E 227 -14.77 42.93 5.25
CA TRP E 227 -14.29 43.89 6.25
C TRP E 227 -15.04 45.20 6.13
N THR E 228 -15.90 45.49 7.10
CA THR E 228 -16.66 46.72 7.10
C THR E 228 -16.25 47.65 8.26
N GLN E 229 -15.73 47.05 9.34
CA GLN E 229 -15.28 47.82 10.49
C GLN E 229 -14.35 48.96 10.08
N ASP E 230 -14.44 50.08 10.80
CA ASP E 230 -13.62 51.24 10.50
C ASP E 230 -12.12 51.00 10.70
N ARG E 231 -11.77 50.35 11.81
CA ARG E 231 -10.37 50.05 12.11
C ARG E 231 -9.72 49.31 10.95
N ALA E 232 -8.51 49.74 10.59
CA ALA E 232 -7.75 49.15 9.48
C ALA E 232 -7.92 47.64 9.33
N LYS E 233 -7.70 47.14 8.11
CA LYS E 233 -7.83 45.72 7.81
C LYS E 233 -6.70 44.89 8.41
N PRO E 234 -7.05 43.95 9.31
CA PRO E 234 -6.09 43.07 9.98
C PRO E 234 -5.37 42.11 9.01
N VAL E 235 -4.68 42.66 8.01
CA VAL E 235 -3.97 41.85 7.03
C VAL E 235 -2.86 41.01 7.67
N THR E 236 -2.23 40.15 6.88
CA THR E 236 -1.16 39.28 7.37
C THR E 236 0.19 39.98 7.32
N GLN E 237 0.36 40.96 8.19
CA GLN E 237 1.60 41.74 8.25
C GLN E 237 2.59 41.25 9.30
N ILE E 238 3.78 41.84 9.29
CA ILE E 238 4.84 41.51 10.24
C ILE E 238 5.23 42.72 11.09
N VAL E 239 4.95 42.65 12.38
CA VAL E 239 5.26 43.73 13.30
C VAL E 239 6.61 43.45 13.94
N SER E 240 7.44 44.49 14.08
CA SER E 240 8.77 44.31 14.67
C SER E 240 9.14 45.41 15.67
N ALA E 241 9.98 45.05 16.62
CA ALA E 241 10.46 45.99 17.64
C ALA E 241 11.96 45.75 17.76
N GLU E 242 12.75 46.81 17.68
CA GLU E 242 14.20 46.67 17.76
C GLU E 242 14.86 47.24 19.01
N ALA E 243 16.08 46.78 19.27
CA ALA E 243 16.83 47.23 20.42
C ALA E 243 18.32 47.19 20.09
N TRP E 244 19.09 48.05 20.75
CA TRP E 244 20.53 48.14 20.55
C TRP E 244 21.28 47.82 21.83
N GLY E 245 22.61 47.71 21.72
CA GLY E 245 23.43 47.43 22.88
C GLY E 245 23.83 48.74 23.53
N ARG E 246 24.06 48.71 24.85
CA ARG E 246 24.44 49.92 25.58
C ARG E 246 25.83 49.87 26.18
C1 NAG F . 7.07 -12.05 -32.04
C2 NAG F . 6.59 -11.11 -33.14
C3 NAG F . 7.78 -10.29 -33.65
C4 NAG F . 9.10 -11.02 -33.38
C5 NAG F . 8.95 -12.56 -33.47
C6 NAG F . 10.22 -13.23 -33.03
C7 NAG F . 4.97 -11.33 -34.91
C8 NAG F . 4.44 -12.14 -36.08
N2 NAG F . 5.99 -11.85 -34.24
O1 NAG F . 7.81 -11.35 -31.09
O3 NAG F . 7.80 -9.03 -33.00
O4 NAG F . 10.08 -10.59 -34.30
O5 NAG F . 7.91 -13.07 -32.59
O6 NAG F . 10.83 -12.48 -32.00
O7 NAG F . 4.45 -10.26 -34.61
#